data_3ZZG
#
_entry.id   3ZZG
#
_cell.length_a   68.086
_cell.length_b   100.531
_cell.length_c   188.740
_cell.angle_alpha   90.00
_cell.angle_beta   90.00
_cell.angle_gamma   90.00
#
_symmetry.space_group_name_H-M   'P 21 21 21'
#
_entity_poly.entity_id   1
_entity_poly.type   'polypeptide(L)'
_entity_poly.pdbx_seq_one_letter_code
;MGHHHHHHVSSTNGFSATRSTVIQLLNNISTKREVEQYLKYFTSVSQQQFAVIKVGGAIISDNLHELASCLAFLYHVGLY
PIVLHGTGPQVNGRLEAQGIEPDYIDGIRITDEHTMAVVRKCFLEQNLKLVTALEQLGVRARPITSGVFTADYLDKDKYK
LVGNIKSVTKEPIEASIKAGALPILTSLAETASGQMLNVNADVAAGELARVFEPLKIVYLNEKGGIINGSTGEKISMINL
DEEYDDLMKQSWVKYGTKLKIREIKELLDYLPRSSSVAIINVQDLQKELFTDSGAGTMIRRGYKLVK
;
_entity_poly.pdbx_strand_id   A,B,C,D
#
# COMPACT_ATOMS: atom_id res chain seq x y z
N ASN A 13 -9.22 16.64 -0.91
CA ASN A 13 -7.80 16.33 -0.58
C ASN A 13 -7.64 15.05 0.27
N GLY A 14 -6.86 14.10 -0.23
CA GLY A 14 -6.67 12.82 0.44
C GLY A 14 -6.30 12.98 1.91
N PHE A 15 -7.16 12.45 2.78
CA PHE A 15 -6.83 12.25 4.19
C PHE A 15 -6.36 10.82 4.33
N SER A 16 -5.19 10.64 4.95
CA SER A 16 -4.67 9.32 5.18
C SER A 16 -3.70 9.37 6.35
N ALA A 17 -4.24 9.14 7.54
CA ALA A 17 -3.46 9.18 8.77
C ALA A 17 -2.63 7.92 8.96
N THR A 18 -1.33 8.02 8.67
CA THR A 18 -0.38 6.94 8.92
C THR A 18 -0.12 6.83 10.44
N ARG A 19 0.65 5.85 10.87
CA ARG A 19 0.93 5.70 12.31
C ARG A 19 1.53 6.97 12.88
N SER A 20 2.58 7.45 12.25
CA SER A 20 3.24 8.66 12.71
C SER A 20 2.29 9.86 12.68
N THR A 21 1.31 9.85 11.77
CA THR A 21 0.29 10.90 11.76
C THR A 21 -0.55 10.81 13.05
N VAL A 22 -1.03 9.62 13.34
CA VAL A 22 -1.86 9.43 14.53
C VAL A 22 -1.11 9.78 15.82
N ILE A 23 0.17 9.44 15.91
CA ILE A 23 0.96 9.78 17.09
C ILE A 23 1.21 11.28 17.19
N GLN A 24 1.39 11.95 16.06
CA GLN A 24 1.67 13.39 16.10
C GLN A 24 0.41 14.16 16.43
N LEU A 25 -0.72 13.63 15.99
CA LEU A 25 -2.01 14.25 16.20
C LEU A 25 -2.33 14.25 17.68
N LEU A 26 -2.11 13.10 18.31
CA LEU A 26 -2.51 12.90 19.69
C LEU A 26 -1.47 13.32 20.72
N ASN A 27 -0.23 13.49 20.29
CA ASN A 27 0.86 13.66 21.23
C ASN A 27 0.69 14.80 22.22
N ASN A 28 0.26 15.98 21.76
CA ASN A 28 0.09 17.10 22.70
C ASN A 28 -1.38 17.47 23.03
N ILE A 29 -2.35 16.71 22.50
CA ILE A 29 -3.75 16.81 22.94
C ILE A 29 -3.91 16.39 24.41
N SER A 30 -4.62 17.23 25.16
CA SER A 30 -4.81 17.03 26.61
C SER A 30 -6.20 17.47 27.12
N THR A 31 -6.82 18.43 26.44
CA THR A 31 -8.15 18.91 26.83
C THR A 31 -9.13 18.74 25.69
N LYS A 32 -10.41 18.59 26.02
CA LYS A 32 -11.49 18.51 25.01
C LYS A 32 -11.50 19.74 24.09
N ARG A 33 -10.96 20.85 24.56
CA ARG A 33 -10.78 22.05 23.73
C ARG A 33 -9.87 21.79 22.53
N GLU A 34 -8.74 21.13 22.77
CA GLU A 34 -7.80 20.83 21.70
C GLU A 34 -8.37 19.77 20.74
N VAL A 35 -9.01 18.75 21.28
CA VAL A 35 -9.69 17.77 20.45
C VAL A 35 -10.71 18.45 19.52
N GLU A 36 -11.48 19.38 20.09
CA GLU A 36 -12.54 20.07 19.36
C GLU A 36 -11.95 21.01 18.30
N GLN A 37 -10.75 21.54 18.55
CA GLN A 37 -10.04 22.37 17.57
C GLN A 37 -9.63 21.54 16.35
N TYR A 38 -9.16 20.32 16.56
CA TYR A 38 -8.79 19.46 15.44
C TYR A 38 -10.01 19.04 14.63
N LEU A 39 -11.12 18.76 15.31
CA LEU A 39 -12.35 18.39 14.66
C LEU A 39 -12.85 19.53 13.77
N LYS A 40 -12.61 20.77 14.21
CA LYS A 40 -12.98 21.95 13.42
C LYS A 40 -12.40 21.85 12.02
N TYR A 41 -11.09 21.60 11.95
CA TYR A 41 -10.37 21.57 10.68
C TYR A 41 -10.62 20.30 9.86
N PHE A 42 -10.89 19.18 10.52
CA PHE A 42 -11.10 17.93 9.82
C PHE A 42 -12.54 17.79 9.30
N THR A 43 -13.51 18.30 10.05
CA THR A 43 -14.91 18.23 9.65
C THR A 43 -15.24 19.34 8.65
N SER A 44 -14.33 20.31 8.52
CA SER A 44 -14.53 21.42 7.58
C SER A 44 -14.67 20.90 6.15
N VAL A 45 -15.35 21.69 5.33
CA VAL A 45 -15.48 21.39 3.91
C VAL A 45 -15.21 22.65 3.11
N SER A 46 -14.29 23.46 3.62
CA SER A 46 -13.95 24.73 2.99
C SER A 46 -13.10 24.49 1.74
N GLN A 47 -13.41 25.22 0.67
CA GLN A 47 -12.61 25.19 -0.56
C GLN A 47 -11.46 26.21 -0.45
N GLN A 48 -11.27 26.78 0.74
CA GLN A 48 -10.23 27.78 0.96
C GLN A 48 -8.90 27.08 1.16
N GLN A 49 -7.85 27.69 0.62
CA GLN A 49 -6.50 27.18 0.73
C GLN A 49 -6.10 27.26 2.20
N PHE A 50 -5.40 26.23 2.67
CA PHE A 50 -5.10 26.12 4.08
C PHE A 50 -3.98 27.06 4.51
N ALA A 51 -2.84 27.02 3.83
CA ALA A 51 -1.70 27.82 4.28
C ALA A 51 -0.70 28.19 3.20
N VAL A 52 -0.12 29.37 3.34
CA VAL A 52 1.10 29.71 2.66
C VAL A 52 2.15 29.65 3.74
N ILE A 53 3.30 29.03 3.44
CA ILE A 53 4.34 28.80 4.43
C ILE A 53 5.72 29.16 3.86
N LYS A 54 6.31 30.22 4.42
CA LYS A 54 7.62 30.68 3.97
C LYS A 54 8.75 30.04 4.81
N VAL A 55 9.70 29.41 4.12
CA VAL A 55 10.78 28.71 4.77
C VAL A 55 12.10 29.43 4.55
N GLY A 56 12.69 29.96 5.61
CA GLY A 56 14.09 30.37 5.55
C GLY A 56 14.93 29.19 5.04
N GLY A 57 15.74 29.43 4.01
CA GLY A 57 16.63 28.40 3.48
C GLY A 57 17.49 27.73 4.52
N ALA A 58 17.93 28.48 5.54
CA ALA A 58 18.68 27.92 6.66
C ALA A 58 18.03 26.63 7.18
N ILE A 59 16.71 26.65 7.28
CA ILE A 59 15.96 25.53 7.83
C ILE A 59 16.08 24.26 6.97
N ILE A 60 16.27 24.43 5.66
CA ILE A 60 16.41 23.28 4.76
C ILE A 60 17.74 22.54 4.97
N SER A 61 18.82 23.29 5.13
CA SER A 61 20.13 22.69 5.43
C SER A 61 20.28 22.24 6.89
N ASP A 62 19.66 22.96 7.82
CA ASP A 62 19.85 22.71 9.26
C ASP A 62 18.79 21.85 9.97
N ASN A 63 17.55 21.85 9.49
CA ASN A 63 16.44 21.09 10.12
C ASN A 63 15.50 20.43 9.08
N LEU A 64 16.08 19.82 8.04
CA LEU A 64 15.30 19.25 6.94
C LEU A 64 14.30 18.21 7.42
N HIS A 65 14.74 17.35 8.34
CA HIS A 65 13.88 16.29 8.88
C HIS A 65 12.66 16.82 9.63
N GLU A 66 12.87 17.85 10.45
CA GLU A 66 11.76 18.50 11.17
C GLU A 66 10.80 19.16 10.18
N LEU A 67 11.37 19.89 9.23
CA LEU A 67 10.55 20.58 8.27
C LEU A 67 9.66 19.56 7.57
N ALA A 68 10.30 18.55 7.00
CA ALA A 68 9.61 17.52 6.22
C ALA A 68 8.54 16.79 7.05
N SER A 69 8.86 16.41 8.29
CA SER A 69 7.88 15.77 9.19
C SER A 69 6.62 16.59 9.38
N CYS A 70 6.77 17.90 9.57
CA CYS A 70 5.68 18.78 9.90
C CYS A 70 4.82 18.98 8.69
N LEU A 71 5.45 19.11 7.53
CA LEU A 71 4.71 19.19 6.26
C LEU A 71 4.04 17.85 5.92
N ALA A 72 4.73 16.75 6.21
CA ALA A 72 4.16 15.41 6.04
C ALA A 72 2.84 15.31 6.78
N PHE A 73 2.81 15.83 8.00
CA PHE A 73 1.62 15.74 8.81
C PHE A 73 0.43 16.44 8.16
N LEU A 74 0.68 17.65 7.67
CA LEU A 74 -0.35 18.42 6.96
C LEU A 74 -0.81 17.70 5.70
N TYR A 75 0.12 17.10 4.98
CA TYR A 75 -0.24 16.35 3.80
C TYR A 75 -1.16 15.20 4.16
N HIS A 76 -0.79 14.48 5.23
CA HIS A 76 -1.46 13.23 5.58
C HIS A 76 -2.85 13.45 6.15
N VAL A 77 -3.11 14.64 6.69
CA VAL A 77 -4.46 15.01 7.13
C VAL A 77 -5.18 15.88 6.07
N GLY A 78 -4.67 15.88 4.84
CA GLY A 78 -5.30 16.57 3.73
C GLY A 78 -5.52 18.06 3.90
N LEU A 79 -4.54 18.73 4.46
CA LEU A 79 -4.52 20.18 4.55
C LEU A 79 -3.24 20.67 3.91
N TYR A 80 -3.18 20.58 2.59
CA TYR A 80 -1.99 20.94 1.80
C TYR A 80 -1.61 22.43 1.85
N PRO A 81 -0.37 22.75 2.26
CA PRO A 81 0.09 24.12 2.16
C PRO A 81 0.87 24.38 0.88
N ILE A 82 0.82 25.62 0.37
CA ILE A 82 1.82 26.10 -0.59
C ILE A 82 3.09 26.49 0.16
N VAL A 83 4.23 25.95 -0.24
CA VAL A 83 5.49 26.19 0.45
C VAL A 83 6.40 27.02 -0.45
N LEU A 84 6.89 28.15 0.06
CA LEU A 84 7.84 29.00 -0.67
C LEU A 84 9.08 29.12 0.18
N HIS A 85 10.24 28.81 -0.39
CA HIS A 85 11.49 28.84 0.37
C HIS A 85 12.53 29.72 -0.28
N GLY A 86 13.47 30.18 0.54
CA GLY A 86 14.57 30.99 0.05
C GLY A 86 15.77 30.12 -0.20
N THR A 87 16.89 30.75 -0.54
CA THR A 87 18.17 30.10 -0.47
C THR A 87 18.79 30.66 0.77
N GLY A 88 19.32 29.78 1.61
CA GLY A 88 19.82 30.20 2.90
C GLY A 88 21.22 30.80 2.85
N PRO A 89 21.93 30.74 3.98
CA PRO A 89 23.32 31.16 4.07
C PRO A 89 24.24 30.58 3.00
N GLN A 90 23.97 29.37 2.51
CA GLN A 90 24.83 28.76 1.50
C GLN A 90 25.35 29.78 0.46
N VAL A 91 24.43 30.51 -0.19
CA VAL A 91 24.78 31.44 -1.27
C VAL A 91 26.01 32.26 -0.94
N ASN A 92 25.97 32.90 0.21
CA ASN A 92 27.10 33.72 0.67
C ASN A 92 28.37 32.90 0.90
N GLY A 93 28.22 31.73 1.51
CA GLY A 93 29.33 30.78 1.70
C GLY A 93 29.96 30.33 0.39
N ARG A 94 29.12 29.93 -0.56
CA ARG A 94 29.57 29.48 -1.89
C ARG A 94 30.34 30.59 -2.63
N LEU A 95 29.82 31.82 -2.53
CA LEU A 95 30.51 33.00 -3.06
C LEU A 95 31.81 33.25 -2.32
N GLU A 96 31.78 33.07 -0.99
CA GLU A 96 32.96 33.22 -0.14
C GLU A 96 34.02 32.15 -0.45
N ALA A 97 33.56 30.96 -0.85
CA ALA A 97 34.46 29.89 -1.30
C ALA A 97 35.22 30.30 -2.56
N GLN A 98 34.54 30.88 -3.53
CA GLN A 98 35.17 31.40 -4.74
C GLN A 98 35.83 32.77 -4.51
N GLY A 99 35.46 33.44 -3.42
CA GLY A 99 36.13 34.68 -2.98
C GLY A 99 35.36 35.99 -3.18
N ILE A 100 34.13 35.89 -3.71
CA ILE A 100 33.32 37.08 -4.00
C ILE A 100 32.57 37.55 -2.75
N GLU A 101 32.63 38.85 -2.48
CA GLU A 101 31.98 39.44 -1.31
C GLU A 101 30.53 39.83 -1.63
N PRO A 102 29.58 39.46 -0.76
CA PRO A 102 28.20 39.91 -0.93
C PRO A 102 28.02 41.42 -0.68
N ASP A 103 27.48 42.13 -1.67
CA ASP A 103 27.10 43.53 -1.50
C ASP A 103 25.59 43.67 -1.35
N TYR A 104 25.14 44.12 -0.18
CA TYR A 104 23.75 44.51 0.03
C TYR A 104 23.66 46.04 0.04
N ILE A 105 22.55 46.59 -0.44
CA ILE A 105 22.29 48.03 -0.36
C ILE A 105 20.80 48.24 -0.07
N ASP A 106 20.49 48.97 1.00
CA ASP A 106 19.11 49.14 1.49
C ASP A 106 18.42 47.83 1.90
N GLY A 107 19.21 46.77 2.09
CA GLY A 107 18.68 45.45 2.45
C GLY A 107 18.50 44.47 1.30
N ILE A 108 19.10 44.75 0.13
CA ILE A 108 18.96 43.88 -1.05
C ILE A 108 20.32 43.56 -1.71
N ARG A 109 20.46 42.33 -2.21
CA ARG A 109 21.74 41.83 -2.74
C ARG A 109 22.03 42.30 -4.17
N ILE A 110 23.25 42.79 -4.41
CA ILE A 110 23.68 43.16 -5.76
C ILE A 110 23.97 41.89 -6.56
N THR A 111 22.92 41.35 -7.18
CA THR A 111 22.99 40.08 -7.87
C THR A 111 23.44 40.25 -9.32
N ASP A 112 24.74 40.21 -9.55
CA ASP A 112 25.30 40.19 -10.89
C ASP A 112 25.21 38.78 -11.50
N GLU A 113 25.58 38.66 -12.76
CA GLU A 113 25.41 37.40 -13.49
C GLU A 113 26.20 36.23 -12.91
N HIS A 114 27.37 36.50 -12.36
CA HIS A 114 28.17 35.46 -11.73
C HIS A 114 27.48 35.02 -10.44
N THR A 115 27.02 36.00 -9.66
CA THR A 115 26.30 35.75 -8.42
C THR A 115 25.00 34.96 -8.69
N MET A 116 24.30 35.30 -9.77
CA MET A 116 23.03 34.65 -10.11
C MET A 116 23.22 33.16 -10.39
N ALA A 117 24.27 32.83 -11.14
CA ALA A 117 24.62 31.43 -11.40
C ALA A 117 24.67 30.59 -10.12
N VAL A 118 25.21 31.19 -9.05
CA VAL A 118 25.31 30.55 -7.74
C VAL A 118 23.97 30.53 -6.99
N VAL A 119 23.18 31.60 -7.14
CA VAL A 119 21.84 31.67 -6.53
C VAL A 119 20.94 30.61 -7.15
N ARG A 120 20.88 30.59 -8.48
CA ARG A 120 20.16 29.54 -9.20
C ARG A 120 20.55 28.18 -8.64
N LYS A 121 21.84 27.87 -8.72
CA LYS A 121 22.34 26.55 -8.34
C LYS A 121 21.99 26.20 -6.90
N CYS A 122 21.94 27.19 -6.02
CA CYS A 122 21.58 26.95 -4.62
C CYS A 122 20.10 26.69 -4.45
N PHE A 123 19.27 27.51 -5.09
CA PHE A 123 17.82 27.34 -5.08
C PHE A 123 17.44 25.93 -5.55
N LEU A 124 18.01 25.52 -6.68
CA LEU A 124 17.68 24.22 -7.25
C LEU A 124 18.04 23.07 -6.28
N GLU A 125 19.19 23.19 -5.61
CA GLU A 125 19.65 22.18 -4.66
C GLU A 125 18.81 22.15 -3.39
N GLN A 126 18.55 23.32 -2.83
CA GLN A 126 17.70 23.43 -1.65
C GLN A 126 16.30 22.94 -1.92
N ASN A 127 15.74 23.32 -3.06
CA ASN A 127 14.40 22.90 -3.45
C ASN A 127 14.25 21.38 -3.61
N LEU A 128 15.24 20.75 -4.23
CA LEU A 128 15.20 19.33 -4.48
C LEU A 128 15.48 18.53 -3.19
N LYS A 129 16.26 19.12 -2.29
CA LYS A 129 16.52 18.50 -0.99
C LYS A 129 15.24 18.35 -0.20
N LEU A 130 14.46 19.43 -0.15
CA LEU A 130 13.20 19.46 0.58
C LEU A 130 12.17 18.56 -0.10
N VAL A 131 12.06 18.65 -1.42
CA VAL A 131 11.14 17.81 -2.17
C VAL A 131 11.46 16.33 -1.95
N THR A 132 12.73 15.93 -2.07
CA THR A 132 13.12 14.53 -1.85
C THR A 132 12.86 14.12 -0.40
N ALA A 133 13.11 15.05 0.53
CA ALA A 133 12.88 14.78 1.94
C ALA A 133 11.43 14.38 2.14
N LEU A 134 10.52 15.05 1.44
CA LEU A 134 9.09 14.73 1.55
C LEU A 134 8.77 13.41 0.88
N GLU A 135 9.24 13.23 -0.36
CA GLU A 135 9.03 11.96 -1.10
C GLU A 135 9.45 10.75 -0.28
N GLN A 136 10.60 10.85 0.41
CA GLN A 136 11.13 9.75 1.24
C GLN A 136 10.24 9.42 2.44
N LEU A 137 9.33 10.32 2.80
CA LEU A 137 8.33 10.05 3.83
C LEU A 137 7.01 9.66 3.17
N GLY A 138 7.05 9.29 1.90
CA GLY A 138 5.83 9.00 1.15
C GLY A 138 4.91 10.19 1.01
N VAL A 139 5.46 11.38 0.83
CA VAL A 139 4.64 12.57 0.54
C VAL A 139 4.98 13.07 -0.86
N ARG A 140 3.99 13.02 -1.73
CA ARG A 140 4.16 13.57 -3.07
C ARG A 140 4.45 15.07 -2.97
N ALA A 141 5.58 15.50 -3.54
CA ALA A 141 5.93 16.91 -3.62
C ALA A 141 6.30 17.22 -5.05
N ARG A 142 6.00 18.43 -5.50
CA ARG A 142 6.25 18.83 -6.89
C ARG A 142 7.08 20.10 -6.88
N PRO A 143 8.33 20.02 -7.37
CA PRO A 143 9.20 21.18 -7.30
C PRO A 143 8.81 22.18 -8.37
N ILE A 144 8.45 23.40 -7.98
CA ILE A 144 8.05 24.44 -8.94
C ILE A 144 9.07 25.57 -8.94
N THR A 145 9.96 25.54 -9.93
CA THR A 145 11.13 26.42 -9.93
C THR A 145 10.91 27.66 -10.79
N SER A 146 9.85 27.66 -11.60
CA SER A 146 9.59 28.77 -12.53
C SER A 146 8.15 28.82 -13.03
N GLY A 147 7.79 29.94 -13.65
CA GLY A 147 6.43 30.11 -14.19
C GLY A 147 5.35 30.44 -13.16
N VAL A 148 5.75 30.91 -11.97
CA VAL A 148 4.80 31.34 -10.95
C VAL A 148 4.90 32.85 -10.73
N PHE A 149 6.11 33.36 -10.53
CA PHE A 149 6.32 34.78 -10.30
C PHE A 149 6.83 35.45 -11.57
N THR A 150 6.14 36.51 -12.01
CA THR A 150 6.62 37.37 -13.08
C THR A 150 6.92 38.74 -12.49
N ALA A 151 8.07 39.31 -12.87
CA ALA A 151 8.55 40.56 -12.29
C ALA A 151 9.22 41.49 -13.30
N ASP A 152 9.10 42.80 -13.04
CA ASP A 152 9.93 43.82 -13.66
C ASP A 152 11.22 43.90 -12.86
N TYR A 153 12.23 44.57 -13.41
CA TYR A 153 13.43 44.89 -12.65
C TYR A 153 13.10 45.85 -11.51
N LEU A 154 13.73 45.67 -10.37
CA LEU A 154 13.54 46.59 -9.24
C LEU A 154 14.26 47.89 -9.54
N ASP A 155 15.56 47.77 -9.84
CA ASP A 155 16.39 48.90 -10.30
C ASP A 155 17.66 48.32 -10.93
N LYS A 156 17.63 48.11 -12.24
CA LYS A 156 18.72 47.44 -12.96
C LYS A 156 20.09 47.92 -12.52
N ASP A 157 20.32 49.24 -12.55
CA ASP A 157 21.65 49.78 -12.31
C ASP A 157 22.06 49.71 -10.85
N LYS A 158 21.09 49.88 -9.95
CA LYS A 158 21.33 49.74 -8.52
C LYS A 158 21.56 48.27 -8.14
N TYR A 159 20.51 47.46 -8.10
CA TYR A 159 20.59 46.08 -7.58
C TYR A 159 20.94 45.02 -8.62
N LYS A 160 20.99 45.41 -9.90
CA LYS A 160 21.19 44.48 -11.02
C LYS A 160 20.03 43.48 -11.11
N LEU A 161 20.31 42.17 -11.17
CA LEU A 161 19.28 41.16 -11.42
C LEU A 161 18.43 40.83 -10.19
N VAL A 162 17.72 41.84 -9.71
CA VAL A 162 16.76 41.68 -8.63
C VAL A 162 15.44 42.25 -9.12
N GLY A 163 14.35 41.56 -8.81
CA GLY A 163 13.05 41.88 -9.38
C GLY A 163 12.05 42.46 -8.41
N ASN A 164 11.05 43.15 -8.96
CA ASN A 164 9.86 43.56 -8.23
C ASN A 164 8.71 42.79 -8.85
N ILE A 165 8.03 41.99 -8.04
CA ILE A 165 7.00 41.12 -8.56
C ILE A 165 5.78 41.95 -8.94
N LYS A 166 5.12 41.54 -10.01
CA LYS A 166 3.97 42.26 -10.57
C LYS A 166 2.73 41.37 -10.66
N SER A 167 2.91 40.16 -11.17
CA SER A 167 1.81 39.19 -11.23
C SER A 167 2.24 37.83 -10.70
N VAL A 168 1.25 37.00 -10.39
CA VAL A 168 1.48 35.62 -9.97
C VAL A 168 0.53 34.70 -10.76
N THR A 169 1.09 33.75 -11.51
CA THR A 169 0.30 32.74 -12.20
C THR A 169 0.00 31.59 -11.22
N LYS A 170 -1.27 31.42 -10.85
CA LYS A 170 -1.67 30.40 -9.89
C LYS A 170 -1.66 28.96 -10.44
N GLU A 171 -1.74 28.83 -11.77
CA GLU A 171 -2.02 27.54 -12.42
C GLU A 171 -1.18 26.34 -11.96
N PRO A 172 0.17 26.49 -11.91
CA PRO A 172 1.00 25.35 -11.54
C PRO A 172 0.75 24.89 -10.11
N ILE A 173 0.56 25.85 -9.22
CA ILE A 173 0.30 25.56 -7.82
C ILE A 173 -1.01 24.78 -7.71
N GLU A 174 -2.04 25.25 -8.38
CA GLU A 174 -3.33 24.60 -8.33
C GLU A 174 -3.24 23.19 -8.90
N ALA A 175 -2.55 23.07 -10.03
CA ALA A 175 -2.40 21.78 -10.72
C ALA A 175 -1.80 20.79 -9.76
N SER A 176 -0.74 21.21 -9.09
CA SER A 176 -0.06 20.40 -8.08
C SER A 176 -0.98 19.89 -6.97
N ILE A 177 -1.69 20.80 -6.33
CA ILE A 177 -2.63 20.46 -5.24
C ILE A 177 -3.74 19.53 -5.71
N LYS A 178 -4.30 19.78 -6.90
CA LYS A 178 -5.32 18.92 -7.45
C LYS A 178 -4.76 17.51 -7.72
N ALA A 179 -3.48 17.45 -8.07
CA ALA A 179 -2.83 16.18 -8.37
C ALA A 179 -2.41 15.43 -7.11
N GLY A 180 -2.57 16.07 -5.96
CA GLY A 180 -2.28 15.45 -4.69
C GLY A 180 -0.83 15.58 -4.30
N ALA A 181 -0.17 16.65 -4.77
CA ALA A 181 1.26 16.84 -4.49
C ALA A 181 1.53 18.23 -3.98
N LEU A 182 2.23 18.34 -2.86
CA LEU A 182 2.55 19.65 -2.29
C LEU A 182 3.40 20.43 -3.27
N PRO A 183 3.02 21.69 -3.58
CA PRO A 183 3.85 22.52 -4.41
C PRO A 183 4.96 23.16 -3.58
N ILE A 184 6.21 22.97 -4.01
CA ILE A 184 7.37 23.52 -3.33
C ILE A 184 8.03 24.52 -4.28
N LEU A 185 7.85 25.80 -3.97
CA LEU A 185 8.29 26.89 -4.83
C LEU A 185 9.61 27.47 -4.39
N THR A 186 10.50 27.73 -5.35
CA THR A 186 11.63 28.62 -5.12
C THR A 186 11.10 30.03 -5.28
N SER A 187 11.79 31.02 -4.71
CA SER A 187 11.33 32.41 -4.79
C SER A 187 12.03 33.21 -5.88
N LEU A 188 12.47 32.56 -6.95
CA LEU A 188 12.95 33.29 -8.12
C LEU A 188 11.76 33.82 -8.89
N ALA A 189 12.00 34.84 -9.70
CA ALA A 189 11.00 35.35 -10.60
C ALA A 189 11.62 35.40 -11.98
N GLU A 190 10.80 35.62 -13.01
CA GLU A 190 11.31 35.91 -14.34
C GLU A 190 10.60 37.10 -14.93
N THR A 191 11.30 37.83 -15.80
CA THR A 191 10.65 38.83 -16.65
C THR A 191 9.85 38.07 -17.68
N ALA A 192 8.89 38.72 -18.32
CA ALA A 192 8.08 38.02 -19.33
C ALA A 192 8.99 37.37 -20.37
N SER A 193 10.04 38.10 -20.75
CA SER A 193 11.06 37.65 -21.70
C SER A 193 11.94 36.48 -21.23
N GLY A 194 11.88 36.12 -19.96
CA GLY A 194 12.57 34.94 -19.45
C GLY A 194 13.90 35.13 -18.75
N GLN A 195 14.21 36.36 -18.33
CA GLN A 195 15.39 36.57 -17.48
C GLN A 195 15.02 36.34 -16.03
N MET A 196 15.69 35.39 -15.39
CA MET A 196 15.48 35.11 -13.98
C MET A 196 15.98 36.29 -13.16
N LEU A 197 15.22 36.63 -12.11
CA LEU A 197 15.57 37.73 -11.22
C LEU A 197 15.37 37.28 -9.79
N ASN A 198 16.37 37.53 -8.93
CA ASN A 198 16.29 37.14 -7.53
C ASN A 198 15.30 38.03 -6.82
N VAL A 199 14.45 37.42 -5.98
CA VAL A 199 13.44 38.18 -5.25
C VAL A 199 13.42 37.78 -3.78
N ASN A 200 13.19 38.77 -2.93
CA ASN A 200 13.06 38.56 -1.51
C ASN A 200 11.95 37.54 -1.22
N ALA A 201 12.32 36.43 -0.56
CA ALA A 201 11.38 35.35 -0.25
C ALA A 201 10.22 35.78 0.66
N ASP A 202 10.46 36.75 1.53
CA ASP A 202 9.40 37.29 2.40
C ASP A 202 8.35 38.03 1.57
N VAL A 203 8.82 38.79 0.60
CA VAL A 203 7.92 39.46 -0.35
C VAL A 203 7.22 38.40 -1.21
N ALA A 204 7.98 37.45 -1.75
CA ALA A 204 7.42 36.40 -2.61
C ALA A 204 6.26 35.68 -1.94
N ALA A 205 6.50 35.19 -0.72
CA ALA A 205 5.50 34.51 0.08
C ALA A 205 4.28 35.38 0.28
N GLY A 206 4.50 36.66 0.54
CA GLY A 206 3.42 37.61 0.73
C GLY A 206 2.54 37.68 -0.49
N GLU A 207 3.15 37.69 -1.67
CA GLU A 207 2.40 37.77 -2.91
C GLU A 207 1.48 36.56 -3.11
N LEU A 208 1.98 35.35 -2.80
CA LEU A 208 1.15 34.14 -2.83
C LEU A 208 -0.04 34.28 -1.89
N ALA A 209 0.21 34.82 -0.70
CA ALA A 209 -0.86 35.07 0.26
C ALA A 209 -1.92 35.98 -0.36
N ARG A 210 -1.44 37.07 -0.97
CA ARG A 210 -2.31 38.08 -1.60
C ARG A 210 -3.27 37.45 -2.61
N VAL A 211 -2.78 36.45 -3.34
CA VAL A 211 -3.55 35.84 -4.43
C VAL A 211 -4.36 34.58 -4.00
N PHE A 212 -3.87 33.83 -3.02
CA PHE A 212 -4.57 32.60 -2.59
C PHE A 212 -5.47 32.77 -1.34
N GLU A 213 -5.36 33.90 -0.64
CA GLU A 213 -6.22 34.20 0.52
C GLU A 213 -6.43 32.98 1.44
N PRO A 214 -5.34 32.45 2.00
CA PRO A 214 -5.37 31.23 2.78
C PRO A 214 -5.80 31.45 4.22
N LEU A 215 -6.12 30.36 4.90
CA LEU A 215 -6.58 30.41 6.29
C LEU A 215 -5.44 30.85 7.20
N LYS A 216 -4.27 30.30 6.98
CA LYS A 216 -3.09 30.59 7.81
C LYS A 216 -1.92 31.05 6.95
N ILE A 217 -1.23 32.10 7.37
CA ILE A 217 0.00 32.52 6.73
C ILE A 217 1.12 32.41 7.75
N VAL A 218 2.15 31.65 7.41
CA VAL A 218 3.20 31.34 8.37
C VAL A 218 4.59 31.51 7.77
N TYR A 219 5.42 32.25 8.49
CA TYR A 219 6.81 32.50 8.12
C TYR A 219 7.66 31.75 9.13
N LEU A 220 8.57 30.90 8.64
CA LEU A 220 9.47 30.15 9.50
C LEU A 220 10.86 30.75 9.54
N ASN A 221 11.35 31.05 10.73
CA ASN A 221 12.75 31.37 10.93
C ASN A 221 13.35 30.57 12.09
N GLU A 222 14.66 30.66 12.27
CA GLU A 222 15.34 29.92 13.32
C GLU A 222 15.31 30.67 14.64
N LYS A 223 15.29 32.01 14.59
CA LYS A 223 15.22 32.84 15.79
C LYS A 223 13.95 32.49 16.53
N GLY A 224 12.92 32.17 15.77
CA GLY A 224 11.65 31.81 16.37
C GLY A 224 10.72 32.97 16.53
N GLY A 225 10.74 33.89 15.58
CA GLY A 225 9.97 35.14 15.67
C GLY A 225 10.84 36.33 15.41
N ILE A 226 10.38 37.50 15.86
CA ILE A 226 11.13 38.75 15.74
C ILE A 226 11.62 39.16 17.14
N ILE A 227 12.93 39.38 17.28
CA ILE A 227 13.52 39.82 18.56
C ILE A 227 13.54 41.34 18.65
N ASN A 228 13.08 41.85 19.78
CA ASN A 228 13.21 43.26 20.12
C ASN A 228 14.63 43.52 20.60
N GLY A 229 15.48 43.99 19.68
CA GLY A 229 16.91 44.14 19.95
C GLY A 229 17.30 45.02 21.13
N SER A 230 16.38 45.86 21.61
CA SER A 230 16.63 46.77 22.74
C SER A 230 16.37 46.13 24.10
N THR A 231 15.36 45.26 24.20
CA THR A 231 15.08 44.54 25.46
C THR A 231 15.56 43.09 25.44
N GLY A 232 16.00 42.62 24.28
CA GLY A 232 16.46 41.25 24.13
C GLY A 232 15.38 40.20 24.30
N GLU A 233 14.14 40.57 23.98
CA GLU A 233 13.01 39.67 24.13
C GLU A 233 12.26 39.51 22.82
N LYS A 234 11.64 38.34 22.68
CA LYS A 234 10.84 38.03 21.51
C LYS A 234 9.49 38.74 21.61
N ILE A 235 9.03 39.30 20.49
CA ILE A 235 7.76 40.03 20.42
C ILE A 235 6.63 39.06 20.10
N SER A 236 5.72 38.86 21.07
CA SER A 236 4.62 37.90 20.90
C SER A 236 3.48 38.40 20.01
N MET A 237 3.19 39.69 20.09
CA MET A 237 2.01 40.25 19.44
C MET A 237 2.39 41.56 18.76
N ILE A 238 1.82 41.79 17.58
CA ILE A 238 1.94 43.09 16.91
C ILE A 238 0.60 43.55 16.32
N ASN A 239 0.03 44.59 16.93
CA ASN A 239 -1.13 45.28 16.38
C ASN A 239 -0.59 46.35 15.44
N LEU A 240 -0.73 46.13 14.13
CA LEU A 240 -0.07 46.99 13.14
C LEU A 240 -0.73 48.35 12.92
N ASP A 241 -2.04 48.45 13.11
CA ASP A 241 -2.70 49.75 13.00
C ASP A 241 -2.11 50.77 13.99
N GLU A 242 -1.75 50.31 15.18
CA GLU A 242 -1.23 51.18 16.24
C GLU A 242 0.30 51.20 16.28
N GLU A 243 0.91 50.02 16.30
CA GLU A 243 2.36 49.88 16.55
C GLU A 243 3.29 50.10 15.34
N TYR A 244 2.78 50.04 14.11
CA TYR A 244 3.64 49.97 12.91
C TYR A 244 4.62 51.13 12.73
N ASP A 245 4.12 52.36 12.78
CA ASP A 245 4.93 53.52 12.43
C ASP A 245 6.07 53.77 13.41
N ASP A 246 5.81 53.57 14.70
CA ASP A 246 6.85 53.75 15.74
C ASP A 246 7.81 52.55 15.82
N LEU A 247 7.30 51.37 15.47
CA LEU A 247 8.13 50.16 15.42
C LEU A 247 9.16 50.23 14.29
N MET A 248 8.83 50.98 13.23
CA MET A 248 9.72 51.10 12.07
C MET A 248 10.92 52.00 12.34
N LYS A 249 10.69 53.16 12.95
CA LYS A 249 11.77 54.10 13.25
C LYS A 249 12.61 53.67 14.46
N GLN A 250 13.33 52.56 14.33
CA GLN A 250 14.16 52.02 15.42
C GLN A 250 15.54 51.61 14.90
N SER A 251 16.47 51.43 15.84
CA SER A 251 17.84 51.04 15.52
C SER A 251 18.02 49.53 15.38
N TRP A 252 17.16 48.76 16.04
CA TRP A 252 17.24 47.29 16.05
C TRP A 252 16.36 46.60 15.00
N VAL A 253 15.51 47.39 14.32
CA VAL A 253 14.78 46.89 13.15
C VAL A 253 15.77 46.86 11.97
N LYS A 254 16.19 45.65 11.63
CA LYS A 254 17.36 45.41 10.77
C LYS A 254 17.10 45.73 9.29
N TYR A 255 18.08 45.41 8.45
CA TYR A 255 17.92 45.46 7.00
C TYR A 255 16.77 44.56 6.56
N GLY A 256 16.86 43.27 6.92
CA GLY A 256 15.90 42.26 6.50
C GLY A 256 14.55 42.27 7.21
N THR A 257 14.49 42.89 8.38
CA THR A 257 13.24 42.99 9.15
C THR A 257 12.35 44.13 8.63
N LYS A 258 12.96 45.20 8.13
CA LYS A 258 12.21 46.30 7.49
C LYS A 258 11.27 45.73 6.45
N LEU A 259 11.84 45.08 5.45
CA LEU A 259 11.08 44.51 4.32
C LEU A 259 10.06 43.46 4.76
N LYS A 260 10.45 42.65 5.75
CA LYS A 260 9.59 41.58 6.25
C LYS A 260 8.37 42.18 6.96
N ILE A 261 8.59 43.09 7.90
CA ILE A 261 7.46 43.74 8.62
C ILE A 261 6.67 44.71 7.73
N ARG A 262 7.30 45.23 6.67
CA ARG A 262 6.60 46.10 5.73
C ARG A 262 5.61 45.29 4.87
N GLU A 263 6.10 44.27 4.18
CA GLU A 263 5.25 43.44 3.31
C GLU A 263 4.05 42.87 4.08
N ILE A 264 4.30 42.46 5.33
CA ILE A 264 3.25 41.88 6.16
C ILE A 264 2.13 42.90 6.41
N LYS A 265 2.51 44.17 6.56
CA LYS A 265 1.54 45.26 6.80
C LYS A 265 0.77 45.57 5.54
N GLU A 266 1.45 45.56 4.40
CA GLU A 266 0.82 45.81 3.12
C GLU A 266 -0.14 44.69 2.76
N LEU A 267 0.26 43.45 3.06
CA LEU A 267 -0.57 42.27 2.81
C LEU A 267 -1.84 42.27 3.66
N LEU A 268 -1.73 42.69 4.92
CA LEU A 268 -2.89 42.72 5.81
C LEU A 268 -3.78 43.93 5.57
N ASP A 269 -3.28 44.95 4.86
CA ASP A 269 -4.12 46.05 4.36
C ASP A 269 -5.00 45.58 3.20
N TYR A 270 -4.51 44.59 2.45
CA TYR A 270 -5.26 43.98 1.34
C TYR A 270 -6.17 42.84 1.82
N LEU A 271 -5.70 42.06 2.78
CA LEU A 271 -6.49 40.95 3.35
C LEU A 271 -7.48 41.47 4.37
N PRO A 272 -8.48 40.65 4.73
CA PRO A 272 -9.44 41.07 5.76
C PRO A 272 -8.86 41.01 7.17
N ARG A 273 -9.63 41.46 8.15
CA ARG A 273 -9.17 41.56 9.54
C ARG A 273 -8.98 40.20 10.24
N SER A 274 -9.61 39.15 9.72
CA SER A 274 -9.52 37.80 10.29
C SER A 274 -8.13 37.18 10.11
N SER A 275 -7.41 37.60 9.07
CA SER A 275 -6.12 37.02 8.74
C SER A 275 -5.01 37.52 9.67
N SER A 276 -3.88 36.83 9.62
CA SER A 276 -2.74 37.09 10.48
C SER A 276 -1.53 36.27 10.04
N VAL A 277 -0.35 36.87 10.12
CA VAL A 277 0.87 36.20 9.76
C VAL A 277 1.65 35.87 11.01
N ALA A 278 1.92 34.58 11.21
CA ALA A 278 2.69 34.12 12.35
C ALA A 278 4.12 33.90 11.91
N ILE A 279 5.08 34.31 12.73
CA ILE A 279 6.50 34.06 12.47
C ILE A 279 7.02 33.16 13.58
N ILE A 280 7.37 31.92 13.25
CA ILE A 280 7.75 30.95 14.29
C ILE A 280 8.89 30.04 13.89
N ASN A 281 9.42 29.31 14.87
CA ASN A 281 10.38 28.24 14.62
C ASN A 281 9.66 27.00 14.08
N VAL A 282 10.34 26.22 13.24
CA VAL A 282 9.75 25.03 12.61
C VAL A 282 9.08 24.11 13.64
N GLN A 283 9.74 23.89 14.78
CA GLN A 283 9.27 22.97 15.81
C GLN A 283 7.92 23.34 16.43
N ASP A 284 7.47 24.58 16.22
CA ASP A 284 6.20 25.05 16.80
C ASP A 284 5.08 25.15 15.77
N LEU A 285 5.32 24.64 14.57
CA LEU A 285 4.36 24.77 13.47
C LEU A 285 3.03 24.05 13.70
N GLN A 286 3.05 22.81 14.19
CA GLN A 286 1.81 22.10 14.43
C GLN A 286 0.96 22.85 15.46
N LYS A 287 1.55 23.19 16.62
CA LYS A 287 0.76 23.84 17.66
C LYS A 287 0.33 25.27 17.27
N GLU A 288 1.07 25.94 16.40
CA GLU A 288 0.67 27.27 15.92
C GLU A 288 -0.58 27.23 15.03
N LEU A 289 -0.73 26.16 14.27
CA LEU A 289 -1.82 26.06 13.32
C LEU A 289 -3.13 25.61 13.95
N PHE A 290 -3.06 24.68 14.90
CA PHE A 290 -4.27 23.98 15.36
C PHE A 290 -4.71 24.39 16.75
N THR A 291 -3.78 24.48 17.69
CA THR A 291 -4.05 25.15 18.95
C THR A 291 -3.80 26.63 18.68
N ASP A 292 -4.10 27.48 19.64
CA ASP A 292 -3.91 28.92 19.45
C ASP A 292 -2.78 29.38 20.36
N SER A 293 -1.57 29.03 19.94
CA SER A 293 -0.36 29.25 20.72
C SER A 293 0.05 30.72 20.79
N GLY A 294 0.80 31.04 21.85
CA GLY A 294 1.49 32.33 21.97
C GLY A 294 2.96 32.26 21.55
N ALA A 295 3.34 31.16 20.87
CA ALA A 295 4.71 30.93 20.41
C ALA A 295 4.98 31.76 19.18
N GLY A 296 6.21 32.24 19.06
CA GLY A 296 6.62 33.09 17.95
C GLY A 296 6.02 34.48 18.01
N THR A 297 6.15 35.20 16.90
CA THR A 297 5.56 36.52 16.76
C THR A 297 4.32 36.40 15.91
N MET A 298 3.20 36.83 16.46
CA MET A 298 1.94 36.89 15.72
C MET A 298 1.75 38.33 15.29
N ILE A 299 1.25 38.53 14.08
CA ILE A 299 1.01 39.88 13.55
C ILE A 299 -0.37 39.96 12.92
N ARG A 300 -1.11 41.01 13.23
CA ARG A 300 -2.45 41.23 12.69
C ARG A 300 -2.72 42.72 12.52
N ARG A 301 -3.82 43.05 11.83
CA ARG A 301 -4.19 44.45 11.58
C ARG A 301 -4.48 45.18 12.90
N GLY A 302 -5.41 44.62 13.68
CA GLY A 302 -5.73 45.12 15.02
C GLY A 302 -6.63 46.35 15.08
N TYR A 303 -7.13 46.64 16.28
CA TYR A 303 -8.02 47.78 16.53
C TYR A 303 -7.22 49.02 16.90
N GLY B 14 3.98 -0.93 -2.03
CA GLY B 14 4.97 -0.98 -3.14
C GLY B 14 4.31 -1.05 -4.52
N PHE B 15 5.00 -1.66 -5.47
CA PHE B 15 4.50 -1.79 -6.84
C PHE B 15 3.49 -2.92 -6.94
N SER B 16 2.38 -2.66 -7.62
CA SER B 16 1.48 -3.72 -8.06
C SER B 16 0.78 -3.33 -9.38
N ALA B 17 0.31 -4.34 -10.12
CA ALA B 17 -0.20 -4.15 -11.46
C ALA B 17 -1.56 -4.80 -11.61
N THR B 18 -2.51 -4.06 -12.18
CA THR B 18 -3.86 -4.57 -12.43
C THR B 18 -3.83 -5.67 -13.51
N ARG B 19 -4.95 -6.35 -13.68
CA ARG B 19 -5.07 -7.41 -14.68
C ARG B 19 -4.99 -6.86 -16.12
N SER B 20 -5.52 -5.65 -16.35
CA SER B 20 -5.42 -5.02 -17.66
C SER B 20 -3.95 -4.76 -17.96
N THR B 21 -3.25 -4.19 -16.98
CA THR B 21 -1.86 -3.82 -17.20
C THR B 21 -1.08 -5.05 -17.62
N VAL B 22 -1.18 -6.12 -16.84
CA VAL B 22 -0.48 -7.35 -17.14
C VAL B 22 -0.94 -7.96 -18.49
N ILE B 23 -2.25 -7.91 -18.79
CA ILE B 23 -2.71 -8.42 -20.09
C ILE B 23 -1.98 -7.64 -21.20
N GLN B 24 -1.88 -6.32 -21.06
CA GLN B 24 -1.21 -5.53 -22.08
C GLN B 24 0.29 -5.81 -22.16
N LEU B 25 0.88 -6.15 -21.01
CA LEU B 25 2.29 -6.55 -21.01
C LEU B 25 2.47 -7.83 -21.81
N LEU B 26 1.63 -8.83 -21.54
CA LEU B 26 1.71 -10.10 -22.25
C LEU B 26 1.46 -9.92 -23.73
N ASN B 27 0.64 -8.93 -24.10
CA ASN B 27 0.38 -8.63 -25.52
C ASN B 27 1.54 -7.99 -26.25
N ASN B 28 2.52 -7.48 -25.53
CA ASN B 28 3.68 -6.88 -26.17
C ASN B 28 4.87 -7.81 -26.21
N ILE B 29 4.83 -8.89 -25.44
CA ILE B 29 5.99 -9.72 -25.22
C ILE B 29 5.76 -11.14 -25.75
N SER B 30 6.46 -11.53 -26.81
CA SER B 30 6.28 -12.89 -27.33
C SER B 30 7.53 -13.80 -27.31
N THR B 31 8.72 -13.23 -27.53
CA THR B 31 9.94 -14.03 -27.58
C THR B 31 10.67 -13.99 -26.25
N LYS B 32 11.62 -14.88 -26.07
CA LYS B 32 12.41 -14.92 -24.85
C LYS B 32 13.27 -13.64 -24.67
N ARG B 33 13.93 -13.15 -25.72
CA ARG B 33 14.78 -11.98 -25.52
C ARG B 33 13.94 -10.73 -25.25
N GLU B 34 12.73 -10.69 -25.79
CA GLU B 34 11.83 -9.58 -25.47
C GLU B 34 11.52 -9.62 -23.99
N VAL B 35 11.33 -10.81 -23.46
CA VAL B 35 11.08 -10.98 -22.05
C VAL B 35 12.26 -10.52 -21.21
N GLU B 36 13.46 -10.94 -21.59
CA GLU B 36 14.67 -10.64 -20.82
C GLU B 36 14.97 -9.13 -20.86
N GLN B 37 14.72 -8.50 -22.02
CA GLN B 37 14.91 -7.06 -22.18
C GLN B 37 14.06 -6.33 -21.14
N TYR B 38 12.78 -6.65 -21.09
CA TYR B 38 11.87 -5.99 -20.17
C TYR B 38 12.32 -6.17 -18.71
N LEU B 39 12.61 -7.42 -18.35
CA LEU B 39 13.10 -7.73 -17.01
C LEU B 39 14.38 -7.00 -16.66
N LYS B 40 15.24 -6.81 -17.63
CA LYS B 40 16.49 -6.07 -17.41
C LYS B 40 16.20 -4.65 -16.90
N TYR B 41 15.22 -3.98 -17.51
CA TYR B 41 14.96 -2.57 -17.20
C TYR B 41 13.91 -2.42 -16.10
N PHE B 42 13.10 -3.45 -15.92
CA PHE B 42 12.11 -3.49 -14.86
C PHE B 42 12.80 -3.58 -13.51
N THR B 43 13.80 -4.45 -13.44
CA THR B 43 14.54 -4.72 -12.20
C THR B 43 15.82 -3.88 -12.02
N SER B 44 16.24 -3.16 -13.07
CA SER B 44 17.46 -2.34 -13.01
C SER B 44 17.41 -1.27 -11.92
N VAL B 45 18.52 -1.14 -11.20
CA VAL B 45 18.66 -0.20 -10.08
C VAL B 45 19.53 1.03 -10.42
N SER B 46 19.83 1.23 -11.70
CA SER B 46 20.97 2.06 -12.12
C SER B 46 20.65 3.33 -12.90
N GLN B 47 21.59 4.29 -12.87
CA GLN B 47 21.49 5.52 -13.68
C GLN B 47 21.97 5.34 -15.14
N GLN B 48 21.47 4.27 -15.77
CA GLN B 48 21.44 4.13 -17.23
C GLN B 48 19.99 3.71 -17.54
N GLN B 49 19.31 4.58 -18.29
CA GLN B 49 17.86 4.56 -18.34
C GLN B 49 17.32 3.63 -19.42
N PHE B 50 16.01 3.62 -19.51
CA PHE B 50 15.31 2.83 -20.48
C PHE B 50 15.17 3.56 -21.80
N ALA B 51 14.72 4.81 -21.75
CA ALA B 51 14.28 5.50 -22.94
C ALA B 51 14.29 7.01 -22.79
N VAL B 52 14.75 7.71 -23.83
CA VAL B 52 14.44 9.11 -24.00
C VAL B 52 13.41 9.18 -25.12
N ILE B 53 12.25 9.73 -24.82
CA ILE B 53 11.19 9.92 -25.79
C ILE B 53 11.00 11.42 -26.04
N LYS B 54 11.17 11.86 -27.29
CA LYS B 54 10.92 13.26 -27.65
C LYS B 54 9.56 13.37 -28.28
N VAL B 55 8.72 14.24 -27.72
CA VAL B 55 7.36 14.39 -28.19
C VAL B 55 7.17 15.67 -29.00
N GLY B 56 6.85 15.52 -30.28
CA GLY B 56 6.51 16.68 -31.09
C GLY B 56 5.35 17.40 -30.43
N GLY B 57 5.47 18.71 -30.27
CA GLY B 57 4.41 19.53 -29.70
C GLY B 57 3.06 19.27 -30.35
N ALA B 58 3.05 19.14 -31.67
CA ALA B 58 1.82 18.82 -32.39
C ALA B 58 1.01 17.75 -31.64
N ILE B 59 1.68 16.67 -31.26
CA ILE B 59 1.04 15.47 -30.69
C ILE B 59 0.21 15.75 -29.45
N ILE B 60 0.67 16.72 -28.64
CA ILE B 60 0.00 17.09 -27.39
C ILE B 60 -1.36 17.76 -27.62
N SER B 61 -1.48 18.48 -28.72
CA SER B 61 -2.74 19.16 -29.01
C SER B 61 -3.56 18.43 -30.04
N ASP B 62 -2.94 17.45 -30.71
CA ASP B 62 -3.62 16.65 -31.75
C ASP B 62 -4.03 15.25 -31.26
N ASN B 63 -3.27 14.66 -30.34
CA ASN B 63 -3.49 13.26 -29.97
C ASN B 63 -3.11 12.97 -28.52
N LEU B 64 -3.61 13.78 -27.59
CA LEU B 64 -3.16 13.73 -26.21
C LEU B 64 -3.51 12.42 -25.50
N HIS B 65 -4.74 11.96 -25.71
CA HIS B 65 -5.23 10.81 -24.96
C HIS B 65 -4.37 9.61 -25.23
N GLU B 66 -4.13 9.33 -26.52
CA GLU B 66 -3.31 8.19 -26.89
C GLU B 66 -1.85 8.35 -26.44
N LEU B 67 -1.31 9.56 -26.52
CA LEU B 67 0.04 9.79 -26.02
C LEU B 67 0.05 9.52 -24.53
N ALA B 68 -0.95 10.03 -23.83
CA ALA B 68 -1.01 9.87 -22.40
C ALA B 68 -1.20 8.40 -22.04
N SER B 69 -2.04 7.69 -22.79
CA SER B 69 -2.23 6.24 -22.57
C SER B 69 -0.98 5.39 -22.73
N CYS B 70 -0.14 5.67 -23.73
CA CYS B 70 1.05 4.85 -23.96
C CYS B 70 2.04 5.04 -22.83
N LEU B 71 2.31 6.30 -22.51
CA LEU B 71 3.23 6.62 -21.43
C LEU B 71 2.66 6.05 -20.15
N ALA B 72 1.35 6.20 -19.94
CA ALA B 72 0.72 5.66 -18.75
C ALA B 72 1.03 4.18 -18.63
N PHE B 73 0.84 3.44 -19.73
CA PHE B 73 1.11 2.00 -19.70
C PHE B 73 2.54 1.69 -19.32
N LEU B 74 3.49 2.44 -19.88
CA LEU B 74 4.90 2.22 -19.56
C LEU B 74 5.14 2.35 -18.06
N TYR B 75 4.67 3.46 -17.48
CA TYR B 75 4.69 3.68 -16.03
C TYR B 75 4.04 2.53 -15.29
N HIS B 76 2.89 2.07 -15.74
CA HIS B 76 2.21 1.01 -15.00
C HIS B 76 2.93 -0.34 -14.99
N VAL B 77 3.85 -0.55 -15.95
CA VAL B 77 4.68 -1.76 -15.94
C VAL B 77 6.06 -1.46 -15.36
N GLY B 78 6.20 -0.33 -14.70
CA GLY B 78 7.44 -0.01 -13.99
C GLY B 78 8.56 0.54 -14.84
N LEU B 79 8.24 1.11 -16.00
CA LEU B 79 9.25 1.72 -16.86
C LEU B 79 9.09 3.24 -16.83
N TYR B 80 10.19 3.96 -16.63
CA TYR B 80 10.16 5.39 -16.42
C TYR B 80 10.92 6.11 -17.52
N PRO B 81 10.34 6.23 -18.71
CA PRO B 81 11.06 6.95 -19.74
C PRO B 81 11.22 8.43 -19.41
N ILE B 82 12.28 9.06 -19.91
CA ILE B 82 12.46 10.51 -19.80
C ILE B 82 11.74 11.14 -20.99
N VAL B 83 10.70 11.91 -20.70
CA VAL B 83 9.91 12.56 -21.73
C VAL B 83 10.30 14.05 -21.85
N LEU B 84 10.52 14.48 -23.09
CA LEU B 84 10.92 15.84 -23.42
C LEU B 84 10.09 16.25 -24.62
N HIS B 85 9.32 17.31 -24.51
CA HIS B 85 8.42 17.73 -25.58
C HIS B 85 8.72 19.12 -26.09
N GLY B 86 8.44 19.37 -27.35
CA GLY B 86 8.56 20.70 -27.92
C GLY B 86 7.26 21.44 -27.78
N THR B 87 7.14 22.53 -28.52
CA THR B 87 5.93 23.32 -28.51
C THR B 87 5.77 23.99 -29.86
N GLY B 88 6.02 23.21 -30.92
CA GLY B 88 6.26 23.77 -32.24
C GLY B 88 5.10 24.59 -32.78
N PRO B 89 4.07 23.91 -33.29
CA PRO B 89 2.97 24.57 -34.01
C PRO B 89 2.16 25.59 -33.19
N GLN B 90 1.91 25.30 -31.91
CA GLN B 90 1.06 26.18 -31.07
C GLN B 90 1.62 27.60 -30.95
N VAL B 91 2.95 27.72 -30.86
CA VAL B 91 3.62 29.03 -30.80
C VAL B 91 3.37 29.81 -32.08
N ASN B 92 3.60 29.17 -33.22
CA ASN B 92 3.28 29.78 -34.51
C ASN B 92 1.81 30.16 -34.64
N GLY B 93 0.95 29.33 -34.01
CA GLY B 93 -0.49 29.56 -34.04
C GLY B 93 -0.89 30.83 -33.32
N ARG B 94 -0.42 30.98 -32.08
CA ARG B 94 -0.79 32.11 -31.24
C ARG B 94 -0.19 33.43 -31.76
N LEU B 95 1.00 33.36 -32.37
CA LEU B 95 1.58 34.53 -33.03
C LEU B 95 0.66 35.00 -34.15
N GLU B 96 0.33 34.08 -35.05
CA GLU B 96 -0.57 34.37 -36.17
C GLU B 96 -1.94 34.82 -35.67
N ALA B 97 -2.38 34.22 -34.55
CA ALA B 97 -3.70 34.51 -33.98
C ALA B 97 -3.86 35.98 -33.60
N GLN B 98 -2.75 36.64 -33.25
CA GLN B 98 -2.78 38.04 -32.84
C GLN B 98 -2.05 38.96 -33.83
N GLY B 99 -2.14 38.61 -35.12
CA GLY B 99 -1.64 39.47 -36.19
C GLY B 99 -0.13 39.57 -36.32
N ILE B 100 0.61 38.64 -35.74
CA ILE B 100 2.07 38.60 -35.87
C ILE B 100 2.45 37.43 -36.75
N GLU B 101 3.33 37.68 -37.72
CA GLU B 101 3.85 36.63 -38.58
C GLU B 101 5.18 36.13 -38.01
N PRO B 102 5.29 34.80 -37.82
CA PRO B 102 6.55 34.22 -37.38
C PRO B 102 7.70 34.64 -38.29
N ASP B 103 8.78 35.15 -37.70
CA ASP B 103 9.98 35.51 -38.44
C ASP B 103 10.92 34.30 -38.46
N TYR B 104 11.56 34.06 -39.61
CA TYR B 104 12.51 32.96 -39.74
C TYR B 104 13.73 33.39 -40.55
N ILE B 105 14.83 32.66 -40.34
CA ILE B 105 16.07 32.87 -41.10
C ILE B 105 16.96 31.65 -40.89
N ASP B 106 17.63 31.20 -41.96
CA ASP B 106 18.53 30.04 -41.92
C ASP B 106 17.91 28.79 -41.27
N GLY B 107 16.58 28.66 -41.36
CA GLY B 107 15.85 27.50 -40.82
C GLY B 107 15.72 27.46 -39.31
N ILE B 108 15.65 28.64 -38.68
CA ILE B 108 15.55 28.77 -37.21
C ILE B 108 14.77 30.04 -36.83
N ARG B 109 13.98 29.97 -35.76
CA ARG B 109 13.05 31.05 -35.38
C ARG B 109 13.70 32.23 -34.61
N ILE B 110 13.46 33.44 -35.09
CA ILE B 110 13.96 34.66 -34.46
C ILE B 110 13.09 35.01 -33.25
N THR B 111 13.71 35.10 -32.06
CA THR B 111 12.98 35.16 -30.80
C THR B 111 13.33 36.39 -29.94
N ASP B 112 12.50 37.44 -30.07
CA ASP B 112 12.68 38.68 -29.33
C ASP B 112 11.90 38.66 -28.01
N GLU B 113 11.99 39.75 -27.24
CA GLU B 113 11.27 39.90 -25.96
C GLU B 113 9.82 39.38 -25.97
N HIS B 114 9.11 39.58 -27.07
CA HIS B 114 7.70 39.17 -27.17
C HIS B 114 7.54 37.72 -27.60
N THR B 115 8.38 37.25 -28.53
CA THR B 115 8.30 35.88 -29.03
C THR B 115 8.60 34.85 -27.94
N MET B 116 9.67 35.09 -27.16
CA MET B 116 10.00 34.23 -26.02
C MET B 116 8.87 34.24 -24.99
N ALA B 117 8.24 35.39 -24.79
CA ALA B 117 7.07 35.49 -23.92
C ALA B 117 6.02 34.46 -24.34
N VAL B 118 5.78 34.34 -25.64
CA VAL B 118 4.81 33.39 -26.19
C VAL B 118 5.32 31.95 -26.11
N VAL B 119 6.61 31.73 -26.43
CA VAL B 119 7.23 30.41 -26.31
C VAL B 119 7.14 29.86 -24.88
N ARG B 120 7.50 30.70 -23.90
CA ARG B 120 7.38 30.33 -22.49
C ARG B 120 5.95 29.98 -22.11
N LYS B 121 5.00 30.79 -22.58
CA LYS B 121 3.61 30.62 -22.23
C LYS B 121 3.09 29.30 -22.79
N CYS B 122 3.49 28.97 -24.01
CA CYS B 122 3.06 27.73 -24.65
C CYS B 122 3.68 26.53 -23.96
N PHE B 123 4.99 26.58 -23.76
CA PHE B 123 5.71 25.48 -23.09
C PHE B 123 5.08 25.14 -21.76
N LEU B 124 4.73 26.16 -20.97
CA LEU B 124 4.07 25.93 -19.70
C LEU B 124 2.69 25.31 -19.89
N GLU B 125 1.92 25.82 -20.85
CA GLU B 125 0.56 25.34 -21.10
C GLU B 125 0.56 23.88 -21.56
N GLN B 126 1.42 23.60 -22.54
CA GLN B 126 1.53 22.26 -23.12
C GLN B 126 2.13 21.26 -22.15
N ASN B 127 3.16 21.67 -21.42
CA ASN B 127 3.78 20.80 -20.41
C ASN B 127 2.82 20.42 -19.29
N LEU B 128 1.90 21.32 -18.95
CA LEU B 128 0.95 21.04 -17.88
C LEU B 128 -0.20 20.18 -18.40
N LYS B 129 -0.52 20.34 -19.68
CA LYS B 129 -1.53 19.52 -20.35
C LYS B 129 -1.10 18.05 -20.32
N LEU B 130 0.14 17.78 -20.72
CA LEU B 130 0.64 16.41 -20.74
C LEU B 130 0.74 15.86 -19.32
N VAL B 131 1.31 16.65 -18.41
CA VAL B 131 1.40 16.22 -17.01
C VAL B 131 0.04 15.88 -16.45
N THR B 132 -0.98 16.72 -16.70
CA THR B 132 -2.30 16.44 -16.12
C THR B 132 -2.99 15.23 -16.77
N ALA B 133 -2.84 15.07 -18.09
CA ALA B 133 -3.42 13.92 -18.79
C ALA B 133 -2.86 12.63 -18.15
N LEU B 134 -1.59 12.67 -17.77
CA LEU B 134 -0.96 11.53 -17.12
C LEU B 134 -1.52 11.31 -15.72
N GLU B 135 -1.58 12.39 -14.94
CA GLU B 135 -2.07 12.32 -13.57
C GLU B 135 -3.50 11.75 -13.54
N GLN B 136 -4.34 12.21 -14.47
CA GLN B 136 -5.70 11.72 -14.58
C GLN B 136 -5.76 10.21 -14.84
N LEU B 137 -4.72 9.67 -15.47
CA LEU B 137 -4.63 8.22 -15.69
C LEU B 137 -3.87 7.51 -14.57
N GLY B 138 -3.69 8.20 -13.44
CA GLY B 138 -3.02 7.62 -12.27
C GLY B 138 -1.52 7.56 -12.34
N VAL B 139 -0.91 8.36 -13.23
CA VAL B 139 0.55 8.35 -13.42
C VAL B 139 1.18 9.53 -12.72
N ARG B 140 2.13 9.28 -11.84
CA ARG B 140 2.84 10.36 -11.17
C ARG B 140 3.78 11.06 -12.16
N ALA B 141 3.46 12.29 -12.54
CA ALA B 141 4.21 13.02 -13.54
C ALA B 141 4.79 14.25 -12.86
N ARG B 142 6.03 14.58 -13.19
CA ARG B 142 6.70 15.72 -12.61
C ARG B 142 7.11 16.72 -13.70
N PRO B 143 6.49 17.91 -13.69
CA PRO B 143 6.91 18.87 -14.69
C PRO B 143 8.30 19.34 -14.36
N ILE B 144 9.18 19.42 -15.35
CA ILE B 144 10.55 19.95 -15.16
C ILE B 144 10.81 21.02 -16.25
N THR B 145 10.56 22.27 -15.88
CA THR B 145 10.51 23.36 -16.85
C THR B 145 11.84 24.15 -16.94
N SER B 146 12.73 23.95 -15.96
CA SER B 146 14.03 24.57 -16.01
C SER B 146 15.07 23.86 -15.15
N GLY B 147 16.32 24.28 -15.27
CA GLY B 147 17.39 23.70 -14.46
C GLY B 147 17.99 22.43 -15.03
N VAL B 148 17.65 22.09 -16.26
CA VAL B 148 18.21 20.89 -16.88
C VAL B 148 19.21 21.31 -17.95
N PHE B 149 18.78 22.19 -18.85
CA PHE B 149 19.64 22.63 -19.94
C PHE B 149 20.32 23.98 -19.66
N THR B 150 21.64 24.01 -19.85
CA THR B 150 22.41 25.22 -19.74
C THR B 150 22.97 25.52 -21.12
N ALA B 151 22.75 26.74 -21.61
CA ALA B 151 23.20 27.12 -22.95
C ALA B 151 23.72 28.55 -23.01
N ASP B 152 24.70 28.79 -23.87
CA ASP B 152 25.04 30.14 -24.28
C ASP B 152 24.40 30.39 -25.64
N TYR B 153 24.32 31.65 -26.03
CA TYR B 153 23.64 32.06 -27.25
C TYR B 153 24.19 31.32 -28.47
N LEU B 154 23.32 31.05 -29.44
CA LEU B 154 23.75 30.37 -30.65
C LEU B 154 24.47 31.38 -31.51
N ASP B 155 23.75 32.46 -31.83
CA ASP B 155 24.35 33.62 -32.49
C ASP B 155 23.48 34.79 -32.07
N LYS B 156 23.90 35.44 -30.99
CA LYS B 156 23.11 36.49 -30.35
C LYS B 156 22.45 37.43 -31.37
N ASP B 157 23.25 38.04 -32.24
CA ASP B 157 22.75 39.05 -33.19
C ASP B 157 21.88 38.45 -34.31
N LYS B 158 22.19 37.23 -34.73
CA LYS B 158 21.49 36.58 -35.85
C LYS B 158 20.11 36.05 -35.48
N TYR B 159 19.98 35.44 -34.29
CA TYR B 159 18.73 34.77 -33.88
C TYR B 159 18.07 35.28 -32.60
N LYS B 160 18.76 36.17 -31.88
CA LYS B 160 18.28 36.66 -30.58
C LYS B 160 18.27 35.54 -29.53
N LEU B 161 17.18 35.43 -28.75
CA LEU B 161 17.10 34.53 -27.61
C LEU B 161 16.91 33.06 -28.04
N VAL B 162 17.94 32.52 -28.68
CA VAL B 162 17.95 31.15 -29.16
C VAL B 162 19.33 30.58 -28.84
N GLY B 163 19.37 29.53 -28.03
CA GLY B 163 20.63 29.05 -27.46
C GLY B 163 21.26 27.84 -28.14
N ASN B 164 22.35 27.39 -27.55
CA ASN B 164 23.08 26.20 -27.99
C ASN B 164 23.58 25.47 -26.75
N ILE B 165 23.03 24.28 -26.49
CA ILE B 165 23.25 23.57 -25.23
C ILE B 165 24.71 23.24 -25.06
N LYS B 166 25.23 23.53 -23.87
CA LYS B 166 26.63 23.26 -23.52
C LYS B 166 26.75 22.12 -22.51
N SER B 167 25.74 21.93 -21.67
CA SER B 167 25.74 20.83 -20.72
C SER B 167 24.34 20.44 -20.26
N VAL B 168 24.23 19.28 -19.63
CA VAL B 168 22.96 18.83 -19.09
C VAL B 168 23.11 18.44 -17.63
N THR B 169 22.34 19.09 -16.77
CA THR B 169 22.31 18.74 -15.35
C THR B 169 21.28 17.63 -15.19
N LYS B 170 21.75 16.42 -14.89
CA LYS B 170 20.90 15.23 -14.80
C LYS B 170 20.05 15.18 -13.52
N GLU B 171 20.49 15.86 -12.46
CA GLU B 171 19.92 15.71 -11.11
C GLU B 171 18.37 15.78 -11.02
N PRO B 172 17.73 16.80 -11.61
CA PRO B 172 16.27 16.88 -11.52
C PRO B 172 15.55 15.63 -12.06
N ILE B 173 16.11 15.04 -13.11
CA ILE B 173 15.51 13.90 -13.80
C ILE B 173 15.69 12.65 -12.97
N GLU B 174 16.88 12.49 -12.42
CA GLU B 174 17.18 11.34 -11.59
C GLU B 174 16.32 11.40 -10.34
N ALA B 175 16.22 12.59 -9.75
CA ALA B 175 15.38 12.81 -8.58
C ALA B 175 13.95 12.39 -8.88
N SER B 176 13.47 12.75 -10.06
CA SER B 176 12.11 12.44 -10.46
C SER B 176 11.88 10.94 -10.55
N ILE B 177 12.75 10.26 -11.28
CA ILE B 177 12.62 8.81 -11.43
C ILE B 177 12.77 8.08 -10.08
N LYS B 178 13.72 8.51 -9.26
CA LYS B 178 13.90 7.90 -7.96
C LYS B 178 12.61 8.01 -7.12
N ALA B 179 11.82 9.06 -7.35
CA ALA B 179 10.58 9.29 -6.59
C ALA B 179 9.35 8.62 -7.21
N GLY B 180 9.56 7.90 -8.31
CA GLY B 180 8.46 7.22 -8.95
C GLY B 180 7.59 8.07 -9.85
N ALA B 181 8.13 9.18 -10.33
CA ALA B 181 7.37 10.08 -11.21
C ALA B 181 8.06 10.27 -12.57
N LEU B 182 7.31 10.14 -13.65
CA LEU B 182 7.85 10.39 -14.99
C LEU B 182 8.25 11.86 -15.07
N PRO B 183 9.52 12.13 -15.39
CA PRO B 183 9.90 13.51 -15.66
C PRO B 183 9.39 13.95 -17.02
N ILE B 184 8.76 15.12 -17.07
CA ILE B 184 8.20 15.66 -18.31
C ILE B 184 8.85 17.01 -18.59
N LEU B 185 9.82 17.01 -19.50
CA LEU B 185 10.71 18.16 -19.69
C LEU B 185 10.28 19.04 -20.84
N THR B 186 10.47 20.35 -20.70
CA THR B 186 10.42 21.27 -21.83
C THR B 186 11.82 21.41 -22.38
N SER B 187 11.94 21.96 -23.58
CA SER B 187 13.23 22.06 -24.23
C SER B 187 13.86 23.45 -24.03
N LEU B 188 13.29 24.26 -23.14
CA LEU B 188 13.87 25.58 -22.80
C LEU B 188 15.22 25.44 -22.11
N ALA B 189 16.17 26.29 -22.47
CA ALA B 189 17.48 26.28 -21.82
C ALA B 189 17.63 27.57 -21.05
N GLU B 190 18.72 27.65 -20.29
CA GLU B 190 19.07 28.89 -19.63
C GLU B 190 20.57 29.11 -19.67
N THR B 191 20.98 30.35 -19.92
CA THR B 191 22.37 30.74 -19.70
C THR B 191 22.60 30.59 -18.22
N ALA B 192 23.87 30.52 -17.81
CA ALA B 192 24.19 30.43 -16.39
C ALA B 192 23.59 31.63 -15.67
N SER B 193 23.73 32.81 -16.29
CA SER B 193 23.19 34.08 -15.77
C SER B 193 21.65 34.11 -15.69
N GLY B 194 20.99 33.18 -16.37
CA GLY B 194 19.56 32.97 -16.16
C GLY B 194 18.64 33.60 -17.18
N GLN B 195 19.14 33.84 -18.39
CA GLN B 195 18.29 34.21 -19.52
C GLN B 195 17.80 32.92 -20.18
N MET B 196 16.50 32.76 -20.28
CA MET B 196 15.94 31.61 -20.94
C MET B 196 16.19 31.71 -22.44
N LEU B 197 16.69 30.63 -23.04
CA LEU B 197 17.01 30.62 -24.45
C LEU B 197 16.31 29.47 -25.14
N ASN B 198 15.55 29.76 -26.18
CA ASN B 198 14.79 28.75 -26.90
C ASN B 198 15.71 27.77 -27.62
N VAL B 199 15.49 26.48 -27.38
CA VAL B 199 16.29 25.43 -27.99
C VAL B 199 15.38 24.44 -28.70
N ASN B 200 15.88 23.93 -29.83
CA ASN B 200 15.15 22.98 -30.65
C ASN B 200 14.94 21.63 -29.96
N ALA B 201 13.68 21.25 -29.78
CA ALA B 201 13.35 20.02 -29.07
C ALA B 201 14.10 18.80 -29.61
N ASP B 202 14.27 18.76 -30.93
CA ASP B 202 14.96 17.63 -31.54
C ASP B 202 16.42 17.52 -31.10
N VAL B 203 17.11 18.66 -30.95
CA VAL B 203 18.50 18.63 -30.43
C VAL B 203 18.55 18.57 -28.90
N ALA B 204 17.51 19.06 -28.23
CA ALA B 204 17.47 18.98 -26.77
C ALA B 204 17.36 17.52 -26.32
N ALA B 205 16.52 16.74 -27.01
CA ALA B 205 16.38 15.32 -26.71
C ALA B 205 17.68 14.61 -27.01
N GLY B 206 18.37 15.04 -28.06
CA GLY B 206 19.64 14.46 -28.43
C GLY B 206 20.68 14.62 -27.34
N GLU B 207 20.67 15.77 -26.67
CA GLU B 207 21.57 16.00 -25.55
C GLU B 207 21.19 15.20 -24.29
N LEU B 208 19.90 14.97 -24.07
CA LEU B 208 19.49 14.06 -23.01
C LEU B 208 20.03 12.67 -23.33
N ALA B 209 19.79 12.21 -24.56
CA ALA B 209 20.26 10.90 -25.00
C ALA B 209 21.78 10.75 -24.83
N ARG B 210 22.51 11.82 -25.08
CA ARG B 210 23.98 11.79 -24.99
C ARG B 210 24.48 11.46 -23.60
N VAL B 211 23.88 12.09 -22.59
CA VAL B 211 24.34 11.89 -21.20
C VAL B 211 23.73 10.65 -20.55
N PHE B 212 22.45 10.36 -20.83
CA PHE B 212 21.79 9.22 -20.21
C PHE B 212 22.06 7.89 -20.92
N GLU B 213 22.58 7.93 -22.13
CA GLU B 213 22.84 6.71 -22.89
C GLU B 213 21.76 5.63 -22.65
N PRO B 214 20.51 5.95 -22.99
CA PRO B 214 19.41 5.04 -22.78
C PRO B 214 19.38 3.94 -23.83
N LEU B 215 18.61 2.88 -23.59
CA LEU B 215 18.52 1.76 -24.52
C LEU B 215 17.82 2.18 -25.80
N LYS B 216 16.83 3.06 -25.64
CA LYS B 216 15.95 3.41 -26.71
C LYS B 216 15.89 4.91 -26.80
N ILE B 217 16.13 5.43 -28.01
CA ILE B 217 15.89 6.83 -28.29
C ILE B 217 14.77 6.88 -29.30
N VAL B 218 13.64 7.47 -28.91
CA VAL B 218 12.47 7.55 -29.75
C VAL B 218 12.05 9.02 -29.94
N TYR B 219 11.85 9.42 -31.20
CA TYR B 219 11.30 10.73 -31.51
C TYR B 219 9.90 10.48 -32.08
N LEU B 220 8.89 11.07 -31.46
CA LEU B 220 7.52 10.95 -31.95
C LEU B 220 7.12 12.15 -32.83
N ASN B 221 6.73 11.87 -34.07
CA ASN B 221 6.07 12.86 -34.90
C ASN B 221 4.80 12.27 -35.48
N GLU B 222 4.04 13.08 -36.19
CA GLU B 222 2.76 12.66 -36.72
C GLU B 222 2.87 11.83 -37.98
N LYS B 223 3.81 12.16 -38.86
CA LYS B 223 3.97 11.41 -40.13
C LYS B 223 4.54 10.00 -39.91
N GLY B 224 5.06 9.74 -38.71
CA GLY B 224 5.55 8.41 -38.35
C GLY B 224 6.82 8.05 -39.09
N GLY B 225 7.81 8.94 -39.04
CA GLY B 225 9.06 8.71 -39.76
C GLY B 225 9.53 9.92 -40.54
N ILE B 226 10.30 9.64 -41.58
CA ILE B 226 10.80 10.66 -42.48
C ILE B 226 10.44 10.23 -43.88
N ILE B 227 9.85 11.12 -44.68
CA ILE B 227 9.49 10.74 -46.03
C ILE B 227 10.57 11.19 -47.00
N ASN B 228 10.92 10.27 -47.90
CA ASN B 228 11.77 10.58 -49.03
C ASN B 228 10.89 11.27 -50.06
N GLY B 229 11.14 12.56 -50.29
CA GLY B 229 10.33 13.33 -51.24
C GLY B 229 10.51 12.90 -52.68
N SER B 230 11.67 12.29 -52.96
CA SER B 230 12.02 11.85 -54.30
C SER B 230 11.08 10.77 -54.78
N THR B 231 10.80 9.80 -53.91
CA THR B 231 9.88 8.71 -54.22
C THR B 231 8.49 8.90 -53.61
N GLY B 232 8.41 9.59 -52.48
CA GLY B 232 7.17 9.68 -51.73
C GLY B 232 6.94 8.44 -50.87
N GLU B 233 8.01 7.67 -50.65
CA GLU B 233 7.98 6.49 -49.77
C GLU B 233 8.68 6.81 -48.46
N LYS B 234 8.16 6.26 -47.38
CA LYS B 234 8.78 6.40 -46.08
C LYS B 234 10.13 5.67 -46.08
N ILE B 235 11.13 6.27 -45.44
CA ILE B 235 12.44 5.66 -45.31
C ILE B 235 12.42 4.74 -44.10
N SER B 236 12.51 3.44 -44.30
CA SER B 236 12.40 2.51 -43.16
C SER B 236 13.71 2.43 -42.36
N MET B 237 14.86 2.52 -43.05
CA MET B 237 16.19 2.42 -42.41
C MET B 237 17.12 3.48 -42.98
N ILE B 238 17.98 4.04 -42.15
CA ILE B 238 19.09 4.87 -42.62
C ILE B 238 20.38 4.37 -41.98
N ASN B 239 21.38 4.06 -42.79
CA ASN B 239 22.71 3.70 -42.30
C ASN B 239 23.64 4.91 -42.49
N LEU B 240 23.77 5.72 -41.45
CA LEU B 240 24.44 7.01 -41.54
C LEU B 240 25.83 6.95 -42.16
N ASP B 241 26.66 6.00 -41.72
CA ASP B 241 28.03 5.84 -42.24
C ASP B 241 28.07 5.86 -43.77
N GLU B 242 27.11 5.19 -44.39
CA GLU B 242 27.04 5.09 -45.84
C GLU B 242 26.33 6.29 -46.48
N GLU B 243 25.29 6.80 -45.83
CA GLU B 243 24.32 7.69 -46.48
C GLU B 243 24.24 9.14 -45.95
N TYR B 244 24.91 9.46 -44.85
CA TYR B 244 24.77 10.80 -44.28
C TYR B 244 25.11 11.87 -45.31
N ASP B 245 26.38 11.92 -45.71
CA ASP B 245 26.85 12.94 -46.66
C ASP B 245 25.93 13.02 -47.87
N ASP B 246 25.58 11.86 -48.44
CA ASP B 246 24.69 11.81 -49.61
C ASP B 246 23.34 12.44 -49.29
N LEU B 247 22.71 11.94 -48.24
CA LEU B 247 21.36 12.35 -47.86
C LEU B 247 21.25 13.85 -47.59
N MET B 248 22.32 14.46 -47.05
CA MET B 248 22.33 15.89 -46.76
C MET B 248 22.40 16.74 -48.04
N LYS B 249 22.95 16.16 -49.11
CA LYS B 249 23.01 16.84 -50.41
C LYS B 249 21.70 16.78 -51.19
N GLN B 250 20.88 15.75 -50.96
CA GLN B 250 19.61 15.58 -51.66
C GLN B 250 18.72 16.81 -51.41
N SER B 251 18.09 17.33 -52.47
CA SER B 251 17.37 18.60 -52.39
C SER B 251 16.07 18.53 -51.57
N TRP B 252 15.48 17.35 -51.45
CA TRP B 252 14.21 17.16 -50.72
C TRP B 252 14.37 17.24 -49.19
N VAL B 253 15.60 17.06 -48.71
CA VAL B 253 15.92 17.19 -47.29
C VAL B 253 16.12 18.66 -46.92
N LYS B 254 15.10 19.29 -46.31
CA LYS B 254 15.17 20.71 -45.95
C LYS B 254 14.66 20.96 -44.54
N TYR B 255 15.06 22.11 -43.98
CA TYR B 255 14.50 22.64 -42.72
C TYR B 255 14.77 21.70 -41.52
N GLY B 256 13.72 21.07 -40.98
CA GLY B 256 13.77 20.42 -39.68
C GLY B 256 14.24 18.99 -39.77
N THR B 257 14.21 18.43 -40.97
CA THR B 257 14.79 17.13 -41.23
C THR B 257 16.31 17.27 -41.39
N LYS B 258 16.76 18.49 -41.74
CA LYS B 258 18.17 18.76 -41.96
C LYS B 258 18.98 18.66 -40.66
N LEU B 259 18.65 19.49 -39.67
CA LEU B 259 19.40 19.53 -38.41
C LEU B 259 19.02 18.38 -37.44
N LYS B 260 17.88 17.76 -37.67
CA LYS B 260 17.50 16.54 -36.95
C LYS B 260 18.48 15.43 -37.28
N ILE B 261 18.71 15.20 -38.57
CA ILE B 261 19.67 14.19 -39.03
C ILE B 261 21.10 14.55 -38.62
N ARG B 262 21.40 15.84 -38.52
CA ARG B 262 22.71 16.30 -38.06
C ARG B 262 22.98 15.84 -36.63
N GLU B 263 22.05 16.16 -35.72
CA GLU B 263 22.22 15.79 -34.32
C GLU B 263 22.29 14.28 -34.17
N ILE B 264 21.44 13.56 -34.90
CA ILE B 264 21.39 12.11 -34.76
C ILE B 264 22.67 11.43 -35.26
N LYS B 265 23.34 12.00 -36.26
CA LYS B 265 24.66 11.49 -36.67
C LYS B 265 25.67 11.73 -35.56
N GLU B 266 25.73 12.97 -35.09
CA GLU B 266 26.65 13.33 -34.02
C GLU B 266 26.41 12.48 -32.79
N LEU B 267 25.14 12.36 -32.41
CA LEU B 267 24.74 11.56 -31.25
C LEU B 267 25.20 10.11 -31.40
N LEU B 268 24.96 9.51 -32.55
CA LEU B 268 25.30 8.10 -32.79
C LEU B 268 26.79 7.86 -33.06
N ASP B 269 27.53 8.91 -33.42
CA ASP B 269 28.99 8.83 -33.47
C ASP B 269 29.56 8.57 -32.08
N TYR B 270 28.96 9.20 -31.08
CA TYR B 270 29.39 9.04 -29.67
C TYR B 270 28.86 7.73 -29.05
N LEU B 271 27.57 7.45 -29.25
CA LEU B 271 26.97 6.24 -28.68
C LEU B 271 27.47 4.98 -29.38
N PRO B 272 27.39 3.82 -28.70
CA PRO B 272 27.92 2.58 -29.27
C PRO B 272 27.10 2.08 -30.46
N ARG B 273 27.53 0.97 -31.04
CA ARG B 273 26.93 0.46 -32.27
C ARG B 273 25.53 -0.15 -32.05
N SER B 274 25.22 -0.55 -30.82
CA SER B 274 23.93 -1.15 -30.50
C SER B 274 22.78 -0.14 -30.45
N SER B 275 23.10 1.12 -30.19
CA SER B 275 22.09 2.17 -30.09
C SER B 275 21.51 2.54 -31.45
N SER B 276 20.29 3.08 -31.44
CA SER B 276 19.67 3.67 -32.62
C SER B 276 18.58 4.65 -32.24
N VAL B 277 18.25 5.54 -33.18
CA VAL B 277 17.13 6.46 -33.02
C VAL B 277 15.95 6.01 -33.88
N ALA B 278 14.78 5.86 -33.26
CA ALA B 278 13.56 5.48 -33.99
C ALA B 278 12.63 6.69 -34.11
N ILE B 279 12.27 7.04 -35.35
CA ILE B 279 11.33 8.12 -35.58
C ILE B 279 9.99 7.48 -35.97
N ILE B 280 8.99 7.62 -35.11
CA ILE B 280 7.78 6.83 -35.24
C ILE B 280 6.52 7.58 -34.83
N ASN B 281 5.37 6.97 -35.07
CA ASN B 281 4.10 7.50 -34.63
C ASN B 281 3.81 6.93 -33.25
N VAL B 282 2.98 7.64 -32.46
CA VAL B 282 2.65 7.18 -31.10
C VAL B 282 2.14 5.75 -31.15
N GLN B 283 1.29 5.42 -32.13
CA GLN B 283 0.66 4.10 -32.19
C GLN B 283 1.65 2.95 -32.32
N ASP B 284 2.92 3.23 -32.62
CA ASP B 284 3.98 2.23 -32.67
C ASP B 284 4.95 2.21 -31.48
N LEU B 285 4.68 3.05 -30.48
CA LEU B 285 5.61 3.28 -29.38
C LEU B 285 5.86 2.01 -28.58
N GLN B 286 4.78 1.38 -28.13
CA GLN B 286 4.87 0.15 -27.35
C GLN B 286 5.64 -0.89 -28.14
N LYS B 287 5.24 -1.08 -29.38
CA LYS B 287 5.92 -2.06 -30.25
C LYS B 287 7.40 -1.74 -30.44
N GLU B 288 7.75 -0.45 -30.52
CA GLU B 288 9.15 -0.05 -30.63
C GLU B 288 9.95 -0.35 -29.38
N LEU B 289 9.35 -0.10 -28.21
CA LEU B 289 10.07 -0.22 -26.97
C LEU B 289 10.27 -1.66 -26.55
N PHE B 290 9.31 -2.51 -26.86
CA PHE B 290 9.31 -3.89 -26.37
C PHE B 290 9.93 -4.87 -27.34
N THR B 291 10.00 -4.51 -28.61
CA THR B 291 10.56 -5.39 -29.64
C THR B 291 11.62 -4.71 -30.51
N ASP B 292 12.35 -5.53 -31.26
CA ASP B 292 13.54 -5.09 -32.01
C ASP B 292 13.16 -4.74 -33.45
N SER B 293 11.86 -4.71 -33.71
CA SER B 293 11.32 -4.45 -35.02
C SER B 293 10.47 -3.20 -34.93
N GLY B 294 11.03 -2.08 -35.35
CA GLY B 294 10.31 -0.80 -35.35
C GLY B 294 9.63 -0.54 -36.69
N ALA B 295 8.68 0.39 -36.66
CA ALA B 295 8.13 0.95 -37.90
C ALA B 295 8.70 2.36 -37.97
N GLY B 296 8.16 3.19 -38.84
CA GLY B 296 8.74 4.50 -39.05
C GLY B 296 10.15 4.38 -39.59
N THR B 297 10.93 5.43 -39.36
CA THR B 297 12.31 5.51 -39.84
C THR B 297 13.28 5.14 -38.71
N MET B 298 14.11 4.14 -38.96
CA MET B 298 15.12 3.68 -38.01
C MET B 298 16.49 4.15 -38.46
N ILE B 299 17.18 4.90 -37.59
CA ILE B 299 18.47 5.50 -37.92
C ILE B 299 19.56 4.95 -37.01
N ARG B 300 20.49 4.20 -37.61
CA ARG B 300 21.63 3.64 -36.88
C ARG B 300 22.96 3.93 -37.59
N ARG B 301 24.05 3.73 -36.86
CA ARG B 301 25.39 3.89 -37.41
C ARG B 301 25.72 2.64 -38.22
N GLY B 302 26.31 2.81 -39.40
CA GLY B 302 26.63 1.68 -40.26
C GLY B 302 27.67 0.75 -39.67
N ASN C 13 -12.18 -12.14 -7.99
CA ASN C 13 -10.96 -12.36 -7.15
C ASN C 13 -9.86 -11.34 -7.45
N GLY C 14 -9.40 -10.65 -6.41
CA GLY C 14 -8.36 -9.64 -6.56
C GLY C 14 -7.14 -10.10 -7.34
N PHE C 15 -6.91 -9.46 -8.48
CA PHE C 15 -5.67 -9.57 -9.21
C PHE C 15 -4.78 -8.43 -8.76
N SER C 16 -3.56 -8.75 -8.35
CA SER C 16 -2.60 -7.73 -7.96
C SER C 16 -1.18 -8.24 -8.12
N ALA C 17 -0.62 -8.00 -9.30
CA ALA C 17 0.71 -8.48 -9.66
C ALA C 17 1.80 -7.62 -9.02
N THR C 18 2.40 -8.12 -7.94
CA THR C 18 3.54 -7.46 -7.30
C THR C 18 4.77 -7.67 -8.18
N ARG C 19 5.91 -7.10 -7.80
CA ARG C 19 7.12 -7.26 -8.62
C ARG C 19 7.44 -8.72 -8.80
N SER C 20 7.51 -9.44 -7.68
CA SER C 20 7.85 -10.86 -7.71
C SER C 20 6.84 -11.65 -8.52
N THR C 21 5.59 -11.19 -8.59
CA THR C 21 4.60 -11.84 -9.42
C THR C 21 4.97 -11.67 -10.88
N VAL C 22 5.28 -10.44 -11.28
CA VAL C 22 5.63 -10.13 -12.66
C VAL C 22 6.87 -10.91 -13.11
N ILE C 23 7.87 -11.03 -12.24
CA ILE C 23 9.08 -11.77 -12.56
C ILE C 23 8.79 -13.26 -12.70
N GLN C 24 7.91 -13.80 -11.86
CA GLN C 24 7.61 -15.22 -11.88
C GLN C 24 6.78 -15.53 -13.11
N LEU C 25 5.93 -14.60 -13.50
CA LEU C 25 5.04 -14.80 -14.63
C LEU C 25 5.88 -14.89 -15.88
N LEU C 26 6.85 -14.00 -16.00
CA LEU C 26 7.62 -13.87 -17.24
C LEU C 26 8.85 -14.77 -17.30
N ASN C 27 9.27 -15.31 -16.17
CA ASN C 27 10.57 -15.96 -16.07
C ASN C 27 10.78 -17.11 -17.04
N ASN C 28 9.76 -17.98 -17.20
CA ASN C 28 9.92 -19.10 -18.15
C ASN C 28 9.12 -18.99 -19.47
N ILE C 29 8.37 -17.88 -19.64
CA ILE C 29 7.77 -17.56 -20.94
C ILE C 29 8.82 -17.32 -22.04
N SER C 30 8.61 -17.99 -23.17
CA SER C 30 9.55 -17.95 -24.29
C SER C 30 8.88 -17.99 -25.67
N THR C 31 7.68 -18.56 -25.77
CA THR C 31 6.96 -18.59 -27.03
C THR C 31 5.60 -17.92 -26.88
N LYS C 32 5.06 -17.40 -27.99
CA LYS C 32 3.71 -16.82 -28.03
C LYS C 32 2.63 -17.84 -27.59
N ARG C 33 2.96 -19.13 -27.67
CA ARG C 33 2.09 -20.18 -27.14
C ARG C 33 1.93 -20.08 -25.63
N GLU C 34 3.03 -19.87 -24.91
CA GLU C 34 2.98 -19.75 -23.45
C GLU C 34 2.32 -18.44 -23.02
N VAL C 35 2.61 -17.36 -23.73
CA VAL C 35 1.93 -16.09 -23.47
C VAL C 35 0.41 -16.28 -23.61
N GLU C 36 0.01 -16.96 -24.68
CA GLU C 36 -1.39 -17.13 -25.01
C GLU C 36 -2.07 -18.03 -23.96
N GLN C 37 -1.31 -18.96 -23.40
CA GLN C 37 -1.83 -19.82 -22.33
C GLN C 37 -2.15 -19.00 -21.08
N TYR C 38 -1.28 -18.07 -20.71
CA TYR C 38 -1.54 -17.22 -19.53
C TYR C 38 -2.72 -16.28 -19.75
N LEU C 39 -2.84 -15.74 -20.96
CA LEU C 39 -3.98 -14.90 -21.30
C LEU C 39 -5.28 -15.70 -21.18
N LYS C 40 -5.25 -16.98 -21.53
CA LYS C 40 -6.44 -17.83 -21.41
C LYS C 40 -7.01 -17.72 -20.00
N TYR C 41 -6.16 -17.93 -19.00
CA TYR C 41 -6.55 -17.97 -17.59
C TYR C 41 -6.84 -16.58 -16.99
N PHE C 42 -6.19 -15.56 -17.51
CA PHE C 42 -6.38 -14.20 -16.97
C PHE C 42 -7.58 -13.50 -17.59
N THR C 43 -7.87 -13.77 -18.86
CA THR C 43 -9.01 -13.18 -19.54
C THR C 43 -10.28 -13.95 -19.21
N SER C 44 -10.14 -15.14 -18.64
CA SER C 44 -11.31 -15.97 -18.27
C SER C 44 -12.23 -15.25 -17.31
N VAL C 45 -13.48 -15.65 -17.30
CA VAL C 45 -14.47 -15.12 -16.36
C VAL C 45 -15.30 -16.27 -15.81
N SER C 46 -14.64 -17.40 -15.63
CA SER C 46 -15.28 -18.61 -15.13
C SER C 46 -15.52 -18.50 -13.63
N GLN C 47 -16.71 -18.92 -13.19
CA GLN C 47 -17.03 -18.99 -11.76
C GLN C 47 -16.61 -20.35 -11.19
N GLN C 48 -15.83 -21.11 -11.96
CA GLN C 48 -15.32 -22.41 -11.54
C GLN C 48 -14.10 -22.24 -10.65
N GLN C 49 -14.03 -23.09 -9.64
CA GLN C 49 -12.90 -23.09 -8.72
C GLN C 49 -11.66 -23.52 -9.48
N PHE C 50 -10.55 -22.87 -9.21
CA PHE C 50 -9.36 -23.07 -10.04
C PHE C 50 -8.66 -24.38 -9.74
N ALA C 51 -8.40 -24.65 -8.47
CA ALA C 51 -7.62 -25.85 -8.12
C ALA C 51 -7.88 -26.39 -6.72
N VAL C 52 -7.78 -27.71 -6.60
CA VAL C 52 -7.57 -28.34 -5.32
C VAL C 52 -6.13 -28.83 -5.38
N ILE C 53 -5.38 -28.60 -4.29
CA ILE C 53 -3.94 -28.86 -4.25
C ILE C 53 -3.53 -29.59 -2.96
N LYS C 54 -3.16 -30.86 -3.11
CA LYS C 54 -2.76 -31.68 -1.97
C LYS C 54 -1.26 -31.60 -1.70
N VAL C 55 -0.90 -31.23 -0.48
CA VAL C 55 0.49 -31.05 -0.10
C VAL C 55 0.96 -32.15 0.88
N GLY C 56 1.88 -32.99 0.43
CA GLY C 56 2.59 -33.87 1.34
C GLY C 56 3.21 -33.02 2.44
N GLY C 57 2.97 -33.40 3.70
CA GLY C 57 3.53 -32.68 4.85
C GLY C 57 5.04 -32.50 4.79
N ALA C 58 5.73 -33.48 4.22
CA ALA C 58 7.18 -33.36 3.99
C ALA C 58 7.57 -32.03 3.31
N ILE C 59 6.74 -31.57 2.38
CA ILE C 59 7.00 -30.33 1.64
C ILE C 59 6.92 -29.07 2.53
N ILE C 60 6.12 -29.12 3.59
CA ILE C 60 5.99 -27.96 4.47
C ILE C 60 7.29 -27.77 5.30
N SER C 61 7.81 -28.84 5.85
CA SER C 61 9.06 -28.77 6.61
C SER C 61 10.29 -28.58 5.72
N ASP C 62 10.28 -29.20 4.54
CA ASP C 62 11.46 -29.25 3.64
C ASP C 62 11.56 -28.19 2.54
N ASN C 63 10.42 -27.69 2.06
CA ASN C 63 10.38 -26.70 0.99
C ASN C 63 9.28 -25.66 1.18
N LEU C 64 9.18 -25.11 2.40
CA LEU C 64 8.11 -24.15 2.73
C LEU C 64 8.16 -22.90 1.85
N HIS C 65 9.36 -22.39 1.62
CA HIS C 65 9.55 -21.18 0.82
C HIS C 65 9.08 -21.38 -0.61
N GLU C 66 9.41 -22.52 -1.20
CA GLU C 66 8.98 -22.83 -2.58
C GLU C 66 7.47 -22.97 -2.64
N LEU C 67 6.92 -23.69 -1.69
CA LEU C 67 5.47 -23.89 -1.65
C LEU C 67 4.80 -22.53 -1.59
N ALA C 68 5.18 -21.74 -0.60
CA ALA C 68 4.60 -20.42 -0.36
C ALA C 68 4.69 -19.51 -1.57
N SER C 69 5.87 -19.46 -2.20
CA SER C 69 6.06 -18.64 -3.42
C SER C 69 5.09 -18.98 -4.53
N CYS C 70 4.86 -20.29 -4.75
CA CYS C 70 4.04 -20.78 -5.85
C CYS C 70 2.59 -20.49 -5.57
N LEU C 71 2.17 -20.64 -4.32
CA LEU C 71 0.81 -20.29 -3.92
C LEU C 71 0.61 -18.75 -3.93
N ALA C 72 1.65 -18.03 -3.53
CA ALA C 72 1.65 -16.57 -3.57
C ALA C 72 1.36 -16.11 -4.98
N PHE C 73 1.96 -16.76 -5.98
CA PHE C 73 1.75 -16.39 -7.37
C PHE C 73 0.27 -16.55 -7.78
N LEU C 74 -0.31 -17.69 -7.44
CA LEU C 74 -1.73 -17.95 -7.75
C LEU C 74 -2.64 -16.93 -7.07
N TYR C 75 -2.32 -16.59 -5.83
CA TYR C 75 -3.07 -15.60 -5.09
C TYR C 75 -3.00 -14.24 -5.78
N HIS C 76 -1.80 -13.86 -6.23
CA HIS C 76 -1.58 -12.53 -6.75
C HIS C 76 -2.18 -12.33 -8.13
N VAL C 77 -2.39 -13.42 -8.89
CA VAL C 77 -3.09 -13.36 -10.16
C VAL C 77 -4.55 -13.82 -9.99
N GLY C 78 -5.05 -13.76 -8.77
CA GLY C 78 -6.45 -14.06 -8.50
C GLY C 78 -7.00 -15.40 -8.98
N LEU C 79 -6.21 -16.45 -8.83
CA LEU C 79 -6.65 -17.80 -9.13
C LEU C 79 -6.42 -18.63 -7.88
N TYR C 80 -7.25 -18.38 -6.87
CA TYR C 80 -7.12 -18.99 -5.55
C TYR C 80 -7.35 -20.50 -5.57
N PRO C 81 -6.40 -21.29 -5.05
CA PRO C 81 -6.62 -22.72 -4.88
C PRO C 81 -7.08 -23.05 -3.47
N ILE C 82 -7.87 -24.11 -3.30
CA ILE C 82 -8.04 -24.75 -1.98
C ILE C 82 -6.85 -25.67 -1.71
N VAL C 83 -6.20 -25.50 -0.57
CA VAL C 83 -4.99 -26.25 -0.24
C VAL C 83 -5.27 -27.21 0.90
N LEU C 84 -5.04 -28.50 0.69
CA LEU C 84 -5.22 -29.52 1.74
C LEU C 84 -3.88 -30.21 1.95
N HIS C 85 -3.39 -30.21 3.20
CA HIS C 85 -2.07 -30.77 3.49
C HIS C 85 -2.11 -31.84 4.55
N GLY C 86 -1.11 -32.71 4.52
CA GLY C 86 -1.01 -33.77 5.50
C GLY C 86 -0.10 -33.34 6.61
N THR C 87 0.14 -34.26 7.53
CA THR C 87 1.22 -34.12 8.48
C THR C 87 2.27 -35.05 7.96
N GLY C 88 3.48 -34.54 7.83
CA GLY C 88 4.55 -35.27 7.17
C GLY C 88 5.21 -36.28 8.09
N PRO C 89 6.47 -36.61 7.76
CA PRO C 89 7.28 -37.50 8.57
C PRO C 89 7.35 -37.14 10.05
N GLN C 90 7.21 -35.87 10.40
CA GLN C 90 7.28 -35.44 11.80
C GLN C 90 6.56 -36.38 12.79
N VAL C 91 5.28 -36.65 12.54
CA VAL C 91 4.47 -37.50 13.42
C VAL C 91 5.23 -38.74 13.87
N ASN C 92 5.74 -39.48 12.91
CA ASN C 92 6.50 -40.70 13.22
C ASN C 92 7.75 -40.38 14.03
N GLY C 93 8.46 -39.33 13.65
CA GLY C 93 9.64 -38.87 14.39
C GLY C 93 9.33 -38.47 15.83
N ARG C 94 8.27 -37.70 16.01
CA ARG C 94 7.82 -37.27 17.33
C ARG C 94 7.43 -38.46 18.22
N LEU C 95 6.74 -39.43 17.62
CA LEU C 95 6.43 -40.69 18.30
C LEU C 95 7.71 -41.46 18.61
N GLU C 96 8.64 -41.46 17.67
CA GLU C 96 9.92 -42.14 17.84
C GLU C 96 10.77 -41.48 18.93
N ALA C 97 10.62 -40.17 19.10
CA ALA C 97 11.28 -39.44 20.18
C ALA C 97 10.79 -39.90 21.56
N GLN C 98 9.48 -40.08 21.69
CA GLN C 98 8.87 -40.61 22.93
C GLN C 98 8.99 -42.13 23.01
N GLY C 99 9.26 -42.78 21.88
CA GLY C 99 9.54 -44.22 21.83
C GLY C 99 8.45 -45.12 21.27
N ILE C 100 7.34 -44.54 20.82
CA ILE C 100 6.20 -45.31 20.31
C ILE C 100 6.41 -45.66 18.83
N GLU C 101 6.21 -46.94 18.49
CA GLU C 101 6.36 -47.42 17.12
C GLU C 101 5.07 -47.21 16.34
N PRO C 102 5.17 -46.67 15.10
CA PRO C 102 4.00 -46.60 14.21
C PRO C 102 3.54 -47.96 13.71
N ASP C 103 2.27 -48.31 13.93
CA ASP C 103 1.66 -49.51 13.35
C ASP C 103 0.75 -49.11 12.19
N TYR C 104 1.08 -49.57 10.97
CA TYR C 104 0.18 -49.47 9.84
C TYR C 104 -0.37 -50.85 9.53
N ILE C 105 -1.62 -50.91 9.06
CA ILE C 105 -2.23 -52.17 8.62
C ILE C 105 -3.07 -51.88 7.37
N ASP C 106 -2.79 -52.62 6.29
CA ASP C 106 -3.39 -52.40 4.96
C ASP C 106 -3.12 -50.98 4.40
N GLY C 107 -2.12 -50.30 4.95
CA GLY C 107 -1.76 -48.93 4.51
C GLY C 107 -2.32 -47.78 5.35
N ILE C 108 -2.83 -48.06 6.55
CA ILE C 108 -3.44 -47.04 7.44
C ILE C 108 -2.91 -47.11 8.88
N ARG C 109 -2.73 -45.96 9.52
CA ARG C 109 -2.09 -45.87 10.84
C ARG C 109 -3.03 -46.25 12.01
N ILE C 110 -2.55 -47.09 12.93
CA ILE C 110 -3.31 -47.39 14.16
C ILE C 110 -3.22 -46.17 15.08
N THR C 111 -4.14 -45.24 14.89
CA THR C 111 -4.13 -43.98 15.65
C THR C 111 -4.89 -44.10 16.97
N ASP C 112 -4.18 -44.48 18.03
CA ASP C 112 -4.74 -44.48 19.38
C ASP C 112 -4.72 -43.05 19.93
N GLU C 113 -5.32 -42.88 21.10
CA GLU C 113 -5.48 -41.55 21.71
C GLU C 113 -4.17 -40.82 21.97
N HIS C 114 -3.12 -41.56 22.34
CA HIS C 114 -1.82 -40.95 22.58
C HIS C 114 -1.25 -40.49 21.25
N THR C 115 -1.38 -41.34 20.24
CA THR C 115 -0.89 -41.03 18.90
C THR C 115 -1.64 -39.82 18.32
N MET C 116 -2.95 -39.76 18.58
CA MET C 116 -3.77 -38.65 18.05
C MET C 116 -3.33 -37.30 18.61
N ALA C 117 -3.04 -37.25 19.91
CA ALA C 117 -2.52 -36.03 20.54
C ALA C 117 -1.32 -35.47 19.78
N VAL C 118 -0.45 -36.37 19.29
CA VAL C 118 0.72 -35.97 18.51
C VAL C 118 0.30 -35.56 17.08
N VAL C 119 -0.64 -36.29 16.49
CA VAL C 119 -1.10 -35.99 15.12
C VAL C 119 -1.74 -34.61 15.08
N ARG C 120 -2.67 -34.38 15.99
CA ARG C 120 -3.25 -33.04 16.17
C ARG C 120 -2.16 -31.98 16.23
N LYS C 121 -1.31 -32.09 17.25
CA LYS C 121 -0.27 -31.09 17.50
C LYS C 121 0.62 -30.86 16.28
N CYS C 122 0.85 -31.89 15.48
CA CYS C 122 1.65 -31.75 14.26
C CYS C 122 0.88 -30.99 13.19
N PHE C 123 -0.35 -31.42 12.93
CA PHE C 123 -1.23 -30.77 11.97
C PHE C 123 -1.37 -29.26 12.23
N LEU C 124 -1.60 -28.91 13.49
CA LEU C 124 -1.73 -27.51 13.87
C LEU C 124 -0.44 -26.72 13.60
N GLU C 125 0.72 -27.32 13.87
CA GLU C 125 2.02 -26.66 13.66
C GLU C 125 2.34 -26.53 12.18
N GLN C 126 2.18 -27.62 11.42
CA GLN C 126 2.39 -27.61 9.98
C GLN C 126 1.45 -26.61 9.28
N ASN C 127 0.20 -26.62 9.68
CA ASN C 127 -0.79 -25.72 9.09
C ASN C 127 -0.51 -24.23 9.35
N LEU C 128 -0.03 -23.91 10.54
CA LEU C 128 0.25 -22.55 10.91
C LEU C 128 1.56 -22.07 10.29
N LYS C 129 2.52 -22.99 10.12
CA LYS C 129 3.78 -22.69 9.43
C LYS C 129 3.53 -22.22 8.00
N LEU C 130 2.68 -22.97 7.29
CA LEU C 130 2.35 -22.68 5.89
C LEU C 130 1.54 -21.42 5.81
N VAL C 131 0.56 -21.27 6.69
CA VAL C 131 -0.24 -20.05 6.72
C VAL C 131 0.65 -18.83 6.97
N THR C 132 1.52 -18.88 7.98
CA THR C 132 2.39 -17.76 8.30
C THR C 132 3.38 -17.49 7.20
N ALA C 133 3.83 -18.55 6.53
CA ALA C 133 4.76 -18.41 5.39
C ALA C 133 4.08 -17.59 4.29
N LEU C 134 2.79 -17.81 4.07
CA LEU C 134 2.03 -17.04 3.10
C LEU C 134 1.86 -15.59 3.59
N GLU C 135 1.38 -15.41 4.81
CA GLU C 135 1.15 -14.06 5.36
C GLU C 135 2.41 -13.20 5.24
N GLN C 136 3.58 -13.79 5.49
CA GLN C 136 4.86 -13.10 5.39
C GLN C 136 5.22 -12.64 3.98
N LEU C 137 4.56 -13.20 2.97
CA LEU C 137 4.69 -12.74 1.60
C LEU C 137 3.53 -11.80 1.25
N GLY C 138 2.81 -11.32 2.25
CA GLY C 138 1.61 -10.52 2.01
C GLY C 138 0.47 -11.26 1.32
N VAL C 139 0.33 -12.54 1.60
CA VAL C 139 -0.78 -13.33 1.07
C VAL C 139 -1.68 -13.68 2.22
N ARG C 140 -2.91 -13.19 2.21
CA ARG C 140 -3.90 -13.57 3.21
C ARG C 140 -4.16 -15.09 3.13
N ALA C 141 -3.98 -15.78 4.25
CA ALA C 141 -4.32 -17.19 4.33
C ALA C 141 -5.17 -17.39 5.57
N ARG C 142 -6.08 -18.34 5.52
CA ARG C 142 -6.98 -18.63 6.63
C ARG C 142 -6.83 -20.10 6.99
N PRO C 143 -6.36 -20.39 8.21
CA PRO C 143 -6.18 -21.76 8.60
C PRO C 143 -7.51 -22.40 8.96
N ILE C 144 -7.87 -23.48 8.26
CA ILE C 144 -9.13 -24.19 8.50
C ILE C 144 -8.84 -25.58 9.05
N THR C 145 -8.92 -25.70 10.36
CA THR C 145 -8.48 -26.92 11.03
C THR C 145 -9.63 -27.88 11.32
N SER C 146 -10.87 -27.43 11.16
CA SER C 146 -12.04 -28.25 11.51
C SER C 146 -13.32 -27.73 10.84
N GLY C 147 -14.36 -28.56 10.87
CA GLY C 147 -15.68 -28.16 10.35
C GLY C 147 -15.85 -28.27 8.84
N VAL C 148 -14.92 -28.98 8.19
CA VAL C 148 -14.99 -29.20 6.74
C VAL C 148 -15.28 -30.66 6.42
N PHE C 149 -14.55 -31.58 7.04
CA PHE C 149 -14.74 -33.01 6.82
C PHE C 149 -15.48 -33.67 7.98
N THR C 150 -16.62 -34.30 7.69
CA THR C 150 -17.34 -35.11 8.66
C THR C 150 -17.25 -36.58 8.25
N ALA C 151 -16.94 -37.44 9.23
CA ALA C 151 -16.63 -38.83 8.96
C ALA C 151 -17.20 -39.80 10.02
N ASP C 152 -17.57 -41.00 9.54
CA ASP C 152 -17.81 -42.15 10.39
C ASP C 152 -16.45 -42.76 10.71
N TYR C 153 -16.42 -43.69 11.67
CA TYR C 153 -15.23 -44.49 11.90
C TYR C 153 -15.03 -45.43 10.71
N LEU C 154 -13.78 -45.65 10.33
CA LEU C 154 -13.45 -46.60 9.26
C LEU C 154 -13.62 -48.01 9.81
N ASP C 155 -12.95 -48.30 10.92
CA ASP C 155 -13.11 -49.57 11.64
C ASP C 155 -12.52 -49.41 13.04
N LYS C 156 -13.36 -49.02 14.00
CA LYS C 156 -12.91 -48.65 15.34
C LYS C 156 -11.88 -49.64 15.87
N ASP C 157 -12.21 -50.92 15.88
CA ASP C 157 -11.37 -51.92 16.53
C ASP C 157 -10.09 -52.21 15.75
N LYS C 158 -10.17 -52.15 14.42
CA LYS C 158 -8.99 -52.30 13.58
C LYS C 158 -8.05 -51.07 13.67
N TYR C 159 -8.44 -49.96 13.06
CA TYR C 159 -7.55 -48.78 12.93
C TYR C 159 -7.69 -47.75 14.06
N LYS C 160 -8.65 -47.96 14.97
CA LYS C 160 -8.96 -47.00 16.04
C LYS C 160 -9.43 -45.66 15.45
N LEU C 161 -8.85 -44.54 15.90
CA LEU C 161 -9.35 -43.22 15.54
C LEU C 161 -8.96 -42.78 14.12
N VAL C 162 -9.42 -43.56 13.14
CA VAL C 162 -9.25 -43.24 11.72
C VAL C 162 -10.63 -43.24 11.10
N GLY C 163 -10.88 -42.27 10.22
CA GLY C 163 -12.22 -42.01 9.70
C GLY C 163 -12.41 -42.33 8.23
N ASN C 164 -13.66 -42.59 7.87
CA ASN C 164 -14.08 -42.63 6.48
C ASN C 164 -14.98 -41.43 6.27
N ILE C 165 -14.61 -40.56 5.35
CA ILE C 165 -15.33 -39.31 5.16
C ILE C 165 -16.66 -39.61 4.50
N LYS C 166 -17.69 -38.86 4.87
CA LYS C 166 -19.04 -39.07 4.38
C LYS C 166 -19.63 -37.81 3.73
N SER C 167 -19.41 -36.66 4.37
CA SER C 167 -19.83 -35.37 3.81
C SER C 167 -18.74 -34.31 3.93
N VAL C 168 -18.88 -33.26 3.14
CA VAL C 168 -17.98 -32.12 3.19
C VAL C 168 -18.81 -30.84 3.24
N THR C 169 -18.59 -30.02 4.27
CA THR C 169 -19.23 -28.72 4.38
C THR C 169 -18.36 -27.69 3.66
N LYS C 170 -18.88 -27.14 2.56
CA LYS C 170 -18.13 -26.19 1.73
C LYS C 170 -17.99 -24.80 2.37
N GLU C 171 -18.92 -24.46 3.26
CA GLU C 171 -19.09 -23.07 3.72
C GLU C 171 -17.81 -22.32 4.15
N PRO C 172 -16.95 -22.94 4.97
CA PRO C 172 -15.75 -22.23 5.45
C PRO C 172 -14.76 -21.92 4.33
N ILE C 173 -14.62 -22.86 3.39
CA ILE C 173 -13.75 -22.69 2.25
C ILE C 173 -14.25 -21.55 1.36
N GLU C 174 -15.55 -21.55 1.10
CA GLU C 174 -16.16 -20.48 0.30
C GLU C 174 -16.03 -19.13 0.98
N ALA C 175 -16.29 -19.10 2.28
CA ALA C 175 -16.20 -17.86 3.04
C ALA C 175 -14.80 -17.27 2.89
N SER C 176 -13.79 -18.12 3.07
CA SER C 176 -12.39 -17.72 2.95
C SER C 176 -12.08 -17.09 1.61
N ILE C 177 -12.41 -17.80 0.53
CA ILE C 177 -12.14 -17.31 -0.84
C ILE C 177 -12.87 -16.01 -1.11
N LYS C 178 -14.12 -15.89 -0.67
CA LYS C 178 -14.85 -14.63 -0.83
C LYS C 178 -14.17 -13.47 -0.07
N ALA C 179 -13.58 -13.79 1.08
CA ALA C 179 -12.93 -12.78 1.91
C ALA C 179 -11.55 -12.41 1.38
N GLY C 180 -11.11 -13.12 0.34
CA GLY C 180 -9.84 -12.84 -0.29
C GLY C 180 -8.67 -13.52 0.39
N ALA C 181 -8.93 -14.66 1.03
CA ALA C 181 -7.88 -15.39 1.76
C ALA C 181 -7.87 -16.83 1.33
N LEU C 182 -6.69 -17.36 1.00
CA LEU C 182 -6.56 -18.77 0.63
C LEU C 182 -6.95 -19.62 1.82
N PRO C 183 -7.80 -20.64 1.60
CA PRO C 183 -8.10 -21.59 2.65
C PRO C 183 -7.04 -22.69 2.74
N ILE C 184 -6.47 -22.88 3.94
CA ILE C 184 -5.44 -23.89 4.15
C ILE C 184 -5.99 -24.91 5.12
N LEU C 185 -6.36 -26.07 4.59
CA LEU C 185 -7.03 -27.12 5.34
C LEU C 185 -6.09 -28.19 5.83
N THR C 186 -6.25 -28.59 7.09
CA THR C 186 -5.68 -29.84 7.58
C THR C 186 -6.60 -30.96 7.10
N SER C 187 -6.09 -32.19 7.05
CA SER C 187 -6.91 -33.30 6.60
C SER C 187 -7.50 -34.13 7.76
N LEU C 188 -7.72 -33.52 8.92
CA LEU C 188 -8.45 -34.20 9.97
C LEU C 188 -9.93 -34.18 9.62
N ALA C 189 -10.68 -35.08 10.25
CA ALA C 189 -12.13 -35.10 10.13
C ALA C 189 -12.67 -35.17 11.54
N GLU C 190 -13.97 -34.95 11.68
CA GLU C 190 -14.65 -35.18 12.95
C GLU C 190 -15.93 -35.97 12.73
N THR C 191 -16.32 -36.76 13.74
CA THR C 191 -17.65 -37.33 13.75
C THR C 191 -18.57 -36.16 14.01
N ALA C 192 -19.86 -36.33 13.75
CA ALA C 192 -20.82 -35.26 14.03
C ALA C 192 -20.69 -34.82 15.49
N SER C 193 -20.56 -35.81 16.38
CA SER C 193 -20.40 -35.64 17.84
C SER C 193 -19.12 -34.94 18.27
N GLY C 194 -18.17 -34.75 17.36
CA GLY C 194 -16.96 -33.97 17.63
C GLY C 194 -15.68 -34.73 17.96
N GLN C 195 -15.64 -36.04 17.71
CA GLN C 195 -14.38 -36.76 17.87
C GLN C 195 -13.54 -36.63 16.61
N MET C 196 -12.34 -36.10 16.77
CA MET C 196 -11.43 -35.95 15.65
C MET C 196 -10.95 -37.32 15.22
N LEU C 197 -10.86 -37.52 13.90
CA LEU C 197 -10.40 -38.79 13.32
C LEU C 197 -9.39 -38.52 12.22
N ASN C 198 -8.26 -39.19 12.28
CA ASN C 198 -7.22 -39.03 11.26
C ASN C 198 -7.65 -39.63 9.94
N VAL C 199 -7.45 -38.88 8.86
CA VAL C 199 -7.88 -39.32 7.55
C VAL C 199 -6.77 -39.14 6.54
N ASN C 200 -6.69 -40.09 5.62
CA ASN C 200 -5.73 -40.06 4.53
C ASN C 200 -5.87 -38.77 3.71
N ALA C 201 -4.80 -38.00 3.64
CA ALA C 201 -4.82 -36.70 2.94
C ALA C 201 -5.11 -36.84 1.45
N ASP C 202 -4.70 -37.95 0.84
CA ASP C 202 -4.99 -38.19 -0.58
C ASP C 202 -6.47 -38.37 -0.79
N VAL C 203 -7.10 -39.10 0.12
CA VAL C 203 -8.54 -39.28 0.10
C VAL C 203 -9.25 -37.96 0.41
N ALA C 204 -8.78 -37.25 1.42
CA ALA C 204 -9.37 -35.96 1.82
C ALA C 204 -9.41 -34.98 0.65
N ALA C 205 -8.25 -34.77 0.03
CA ALA C 205 -8.13 -33.91 -1.14
C ALA C 205 -9.11 -34.35 -2.24
N GLY C 206 -9.20 -35.65 -2.47
CA GLY C 206 -10.12 -36.18 -3.48
C GLY C 206 -11.56 -35.77 -3.21
N GLU C 207 -11.96 -35.80 -1.95
CA GLU C 207 -13.33 -35.43 -1.57
C GLU C 207 -13.64 -33.96 -1.85
N LEU C 208 -12.68 -33.07 -1.59
CA LEU C 208 -12.78 -31.65 -1.98
C LEU C 208 -12.97 -31.51 -3.50
N ALA C 209 -12.18 -32.27 -4.25
CA ALA C 209 -12.32 -32.27 -5.71
C ALA C 209 -13.74 -32.66 -6.09
N ARG C 210 -14.20 -33.75 -5.50
CA ARG C 210 -15.54 -34.29 -5.76
C ARG C 210 -16.63 -33.22 -5.60
N VAL C 211 -16.48 -32.36 -4.61
CA VAL C 211 -17.50 -31.38 -4.25
C VAL C 211 -17.33 -30.02 -4.94
N PHE C 212 -16.09 -29.61 -5.20
CA PHE C 212 -15.82 -28.28 -5.81
C PHE C 212 -15.64 -28.31 -7.33
N GLU C 213 -15.43 -29.48 -7.92
CA GLU C 213 -15.30 -29.63 -9.39
C GLU C 213 -14.39 -28.57 -10.03
N PRO C 214 -13.12 -28.53 -9.59
CA PRO C 214 -12.18 -27.50 -10.00
C PRO C 214 -11.54 -27.75 -11.36
N LEU C 215 -10.92 -26.72 -11.92
CA LEU C 215 -10.30 -26.82 -13.24
C LEU C 215 -9.13 -27.77 -13.17
N LYS C 216 -8.31 -27.64 -12.14
CA LYS C 216 -7.08 -28.40 -12.00
C LYS C 216 -7.10 -29.13 -10.67
N ILE C 217 -6.69 -30.39 -10.66
CA ILE C 217 -6.47 -31.11 -9.42
C ILE C 217 -5.01 -31.53 -9.39
N VAL C 218 -4.31 -31.17 -8.32
CA VAL C 218 -2.88 -31.38 -8.26
C VAL C 218 -2.46 -31.96 -6.92
N TYR C 219 -1.66 -33.02 -6.98
CA TYR C 219 -1.11 -33.67 -5.80
C TYR C 219 0.40 -33.42 -5.82
N LEU C 220 0.93 -32.86 -4.74
CA LEU C 220 2.36 -32.58 -4.64
C LEU C 220 3.06 -33.66 -3.82
N ASN C 221 4.09 -34.27 -4.40
CA ASN C 221 5.01 -35.07 -3.61
C ASN C 221 6.46 -34.72 -3.94
N GLU C 222 7.40 -35.27 -3.16
CA GLU C 222 8.82 -34.97 -3.35
C GLU C 222 9.39 -35.82 -4.46
N LYS C 223 8.88 -37.03 -4.63
CA LYS C 223 9.38 -37.95 -5.67
C LYS C 223 9.28 -37.37 -7.10
N GLY C 224 8.21 -36.64 -7.38
CA GLY C 224 8.01 -35.95 -8.66
C GLY C 224 7.10 -36.72 -9.60
N GLY C 225 6.17 -37.46 -9.05
CA GLY C 225 5.28 -38.32 -9.83
C GLY C 225 5.26 -39.73 -9.27
N ILE C 226 4.87 -40.69 -10.11
CA ILE C 226 4.89 -42.11 -9.75
C ILE C 226 5.98 -42.82 -10.55
N ILE C 227 6.90 -43.50 -9.85
CA ILE C 227 7.99 -44.23 -10.49
C ILE C 227 7.58 -45.66 -10.81
N ASN C 228 7.84 -46.08 -12.05
CA ASN C 228 7.68 -47.48 -12.46
C ASN C 228 8.88 -48.26 -11.94
N GLY C 229 8.69 -48.93 -10.80
CA GLY C 229 9.77 -49.63 -10.11
C GLY C 229 10.51 -50.70 -10.91
N SER C 230 9.89 -51.18 -11.98
CA SER C 230 10.49 -52.24 -12.82
C SER C 230 11.45 -51.70 -13.89
N THR C 231 11.13 -50.55 -14.46
CA THR C 231 12.00 -49.91 -15.47
C THR C 231 12.82 -48.74 -14.89
N GLY C 232 12.49 -48.34 -13.66
CA GLY C 232 13.15 -47.21 -13.01
C GLY C 232 12.85 -45.86 -13.63
N GLU C 233 11.71 -45.73 -14.30
CA GLU C 233 11.36 -44.50 -14.99
C GLU C 233 10.06 -43.94 -14.47
N LYS C 234 9.93 -42.63 -14.56
CA LYS C 234 8.72 -41.91 -14.16
C LYS C 234 7.64 -42.09 -15.22
N ILE C 235 6.42 -42.34 -14.77
CA ILE C 235 5.27 -42.56 -15.66
C ILE C 235 4.62 -41.23 -15.99
N SER C 236 4.71 -40.80 -17.25
CA SER C 236 4.19 -39.49 -17.66
C SER C 236 2.68 -39.45 -17.80
N MET C 237 2.10 -40.55 -18.26
CA MET C 237 0.69 -40.58 -18.63
C MET C 237 0.04 -41.85 -18.09
N ILE C 238 -1.21 -41.74 -17.63
CA ILE C 238 -2.00 -42.91 -17.28
C ILE C 238 -3.43 -42.78 -17.78
N ASN C 239 -3.78 -43.60 -18.77
CA ASN C 239 -5.16 -43.76 -19.21
C ASN C 239 -5.77 -44.85 -18.36
N LEU C 240 -6.66 -44.48 -17.43
CA LEU C 240 -7.13 -45.41 -16.41
C LEU C 240 -8.20 -46.40 -16.89
N ASP C 241 -8.98 -46.04 -17.90
CA ASP C 241 -9.94 -46.99 -18.47
C ASP C 241 -9.24 -48.25 -19.01
N GLU C 242 -8.06 -48.08 -19.59
CA GLU C 242 -7.30 -49.19 -20.18
C GLU C 242 -6.25 -49.77 -19.23
N GLU C 243 -5.41 -48.91 -18.65
CA GLU C 243 -4.23 -49.34 -17.89
C GLU C 243 -4.47 -49.76 -16.42
N TYR C 244 -5.59 -49.37 -15.83
CA TYR C 244 -5.78 -49.48 -14.36
C TYR C 244 -5.62 -50.89 -13.80
N ASP C 245 -6.35 -51.85 -14.36
CA ASP C 245 -6.44 -53.18 -13.77
C ASP C 245 -5.12 -53.95 -13.84
N ASP C 246 -4.37 -53.79 -14.92
CA ASP C 246 -3.05 -54.43 -15.04
C ASP C 246 -1.94 -53.67 -14.30
N LEU C 247 -2.12 -52.37 -14.15
CA LEU C 247 -1.17 -51.55 -13.39
C LEU C 247 -1.24 -51.87 -11.89
N MET C 248 -2.40 -52.32 -11.42
CA MET C 248 -2.60 -52.63 -10.01
C MET C 248 -1.91 -53.93 -9.59
N LYS C 249 -2.07 -54.99 -10.39
CA LYS C 249 -1.48 -56.29 -10.10
C LYS C 249 0.03 -56.32 -10.40
N GLN C 250 0.81 -55.55 -9.64
CA GLN C 250 2.27 -55.48 -9.82
C GLN C 250 2.99 -55.55 -8.48
N SER C 251 4.29 -55.81 -8.55
CA SER C 251 5.15 -55.92 -7.36
C SER C 251 5.68 -54.56 -6.88
N TRP C 252 5.79 -53.61 -7.81
CA TRP C 252 6.36 -52.28 -7.51
C TRP C 252 5.29 -51.24 -7.16
N VAL C 253 4.02 -51.57 -7.34
CA VAL C 253 2.93 -50.72 -6.84
C VAL C 253 2.85 -50.92 -5.33
N LYS C 254 3.30 -49.90 -4.60
CA LYS C 254 3.59 -50.02 -3.17
C LYS C 254 2.34 -50.05 -2.28
N TYR C 255 2.56 -50.04 -0.97
CA TYR C 255 1.48 -49.88 0.00
C TYR C 255 0.73 -48.58 -0.27
N GLY C 256 1.46 -47.46 -0.26
CA GLY C 256 0.87 -46.14 -0.39
C GLY C 256 0.41 -45.76 -1.79
N THR C 257 0.94 -46.42 -2.81
CA THR C 257 0.58 -46.13 -4.19
C THR C 257 -0.74 -46.81 -4.58
N LYS C 258 -1.03 -47.97 -3.99
CA LYS C 258 -2.33 -48.64 -4.18
C LYS C 258 -3.46 -47.64 -3.91
N LEU C 259 -3.51 -47.15 -2.69
CA LEU C 259 -4.57 -46.24 -2.23
C LEU C 259 -4.60 -44.94 -3.04
N LYS C 260 -3.43 -44.43 -3.40
CA LYS C 260 -3.32 -43.18 -4.14
C LYS C 260 -3.89 -43.35 -5.55
N ILE C 261 -3.43 -44.38 -6.26
CA ILE C 261 -3.92 -44.62 -7.62
C ILE C 261 -5.37 -45.09 -7.60
N ARG C 262 -5.81 -45.74 -6.52
CA ARG C 262 -7.20 -46.21 -6.42
C ARG C 262 -8.17 -45.03 -6.26
N GLU C 263 -7.93 -44.18 -5.26
CA GLU C 263 -8.78 -43.02 -5.03
C GLU C 263 -8.88 -42.12 -6.27
N ILE C 264 -7.77 -41.98 -6.98
CA ILE C 264 -7.75 -41.14 -8.17
C ILE C 264 -8.66 -41.70 -9.26
N LYS C 265 -8.74 -43.02 -9.36
CA LYS C 265 -9.61 -43.70 -10.33
C LYS C 265 -11.07 -43.57 -9.94
N GLU C 266 -11.35 -43.70 -8.65
CA GLU C 266 -12.71 -43.60 -8.14
C GLU C 266 -13.23 -42.18 -8.31
N LEU C 267 -12.36 -41.21 -8.06
CA LEU C 267 -12.67 -39.78 -8.21
C LEU C 267 -12.97 -39.41 -9.66
N LEU C 268 -12.20 -39.96 -10.61
CA LEU C 268 -12.41 -39.66 -12.02
C LEU C 268 -13.60 -40.44 -12.62
N ASP C 269 -14.05 -41.49 -11.93
CA ASP C 269 -15.31 -42.16 -12.29
C ASP C 269 -16.51 -41.28 -11.91
N TYR C 270 -16.35 -40.46 -10.87
CA TYR C 270 -17.37 -39.51 -10.41
C TYR C 270 -17.27 -38.19 -11.18
N LEU C 271 -16.05 -37.73 -11.46
CA LEU C 271 -15.86 -36.48 -12.20
C LEU C 271 -16.04 -36.71 -13.69
N PRO C 272 -16.21 -35.62 -14.47
CA PRO C 272 -16.31 -35.76 -15.92
C PRO C 272 -14.96 -36.04 -16.59
N ARG C 273 -14.99 -36.28 -17.89
CA ARG C 273 -13.80 -36.68 -18.65
C ARG C 273 -12.75 -35.58 -18.80
N SER C 274 -13.18 -34.32 -18.67
CA SER C 274 -12.29 -33.16 -18.79
C SER C 274 -11.25 -33.08 -17.68
N SER C 275 -11.60 -33.64 -16.52
CA SER C 275 -10.76 -33.56 -15.33
C SER C 275 -9.60 -34.52 -15.39
N SER C 276 -8.63 -34.28 -14.52
CA SER C 276 -7.37 -35.03 -14.47
C SER C 276 -6.59 -34.65 -13.23
N VAL C 277 -5.92 -35.63 -12.63
CA VAL C 277 -5.09 -35.40 -11.45
C VAL C 277 -3.63 -35.49 -11.83
N ALA C 278 -2.88 -34.42 -11.60
CA ALA C 278 -1.46 -34.39 -11.85
C ALA C 278 -0.70 -34.68 -10.56
N ILE C 279 0.34 -35.49 -10.64
CA ILE C 279 1.21 -35.74 -9.51
C ILE C 279 2.59 -35.19 -9.86
N ILE C 280 3.02 -34.14 -9.16
CA ILE C 280 4.27 -33.47 -9.51
C ILE C 280 5.07 -32.98 -8.31
N ASN C 281 6.33 -32.62 -8.58
CA ASN C 281 7.20 -31.98 -7.59
C ASN C 281 6.76 -30.54 -7.45
N VAL C 282 6.94 -29.97 -6.25
CA VAL C 282 6.54 -28.58 -5.98
C VAL C 282 7.08 -27.58 -7.02
N GLN C 283 8.35 -27.76 -7.41
CA GLN C 283 9.03 -26.83 -8.33
C GLN C 283 8.39 -26.75 -9.73
N ASP C 284 7.56 -27.72 -10.08
CA ASP C 284 6.93 -27.75 -11.40
C ASP C 284 5.47 -27.34 -11.36
N LEU C 285 5.01 -26.80 -10.23
CA LEU C 285 3.60 -26.46 -10.05
C LEU C 285 3.10 -25.37 -10.98
N GLN C 286 3.86 -24.28 -11.13
CA GLN C 286 3.41 -23.19 -11.98
C GLN C 286 3.27 -23.68 -13.41
N LYS C 287 4.31 -24.32 -13.95
CA LYS C 287 4.23 -24.76 -15.35
C LYS C 287 3.20 -25.87 -15.57
N GLU C 288 2.88 -26.65 -14.55
CA GLU C 288 1.85 -27.69 -14.68
C GLU C 288 0.46 -27.08 -14.83
N LEU C 289 0.22 -25.95 -14.17
CA LEU C 289 -1.11 -25.38 -14.13
C LEU C 289 -1.41 -24.56 -15.38
N PHE C 290 -0.42 -23.81 -15.86
CA PHE C 290 -0.70 -22.79 -16.85
C PHE C 290 -0.24 -23.18 -18.25
N THR C 291 0.98 -23.69 -18.36
CA THR C 291 1.39 -24.35 -19.60
C THR C 291 0.86 -25.78 -19.49
N ASP C 292 1.00 -26.56 -20.56
CA ASP C 292 0.50 -27.94 -20.53
C ASP C 292 1.72 -28.85 -20.57
N SER C 293 2.37 -28.93 -19.42
CA SER C 293 3.63 -29.66 -19.26
C SER C 293 3.46 -31.18 -19.30
N GLY C 294 4.55 -31.85 -19.67
CA GLY C 294 4.65 -33.31 -19.52
C GLY C 294 5.39 -33.71 -18.25
N ALA C 295 5.56 -32.76 -17.32
CA ALA C 295 6.26 -33.00 -16.05
C ALA C 295 5.34 -33.75 -15.09
N GLY C 296 5.95 -34.62 -14.29
CA GLY C 296 5.21 -35.44 -13.33
C GLY C 296 4.38 -36.51 -14.01
N THR C 297 3.50 -37.12 -13.23
CA THR C 297 2.57 -38.11 -13.72
C THR C 297 1.20 -37.48 -13.86
N MET C 298 0.65 -37.52 -15.07
CA MET C 298 -0.69 -37.03 -15.34
C MET C 298 -1.60 -38.24 -15.41
N ILE C 299 -2.80 -38.12 -14.85
CA ILE C 299 -3.74 -39.24 -14.81
C ILE C 299 -5.13 -38.75 -15.23
N ARG C 300 -5.78 -39.49 -16.13
CA ARG C 300 -7.11 -39.15 -16.61
C ARG C 300 -7.91 -40.41 -16.91
N ARG C 301 -9.20 -40.26 -17.16
CA ARG C 301 -10.08 -41.40 -17.46
C ARG C 301 -9.69 -42.09 -18.76
N GLY C 302 -9.60 -41.31 -19.84
CA GLY C 302 -9.10 -41.79 -21.13
C GLY C 302 -10.09 -42.59 -21.97
N TYR C 303 -9.74 -42.82 -23.23
CA TYR C 303 -10.56 -43.58 -24.18
C TYR C 303 -10.21 -45.07 -24.14
N GLY D 14 1.22 -0.01 4.24
CA GLY D 14 1.12 -0.10 5.73
C GLY D 14 -0.21 0.40 6.28
N PHE D 15 -0.19 0.82 7.55
CA PHE D 15 -1.39 1.29 8.25
C PHE D 15 -1.72 2.72 7.84
N SER D 16 -3.00 2.97 7.54
CA SER D 16 -3.53 4.32 7.41
C SER D 16 -4.99 4.36 7.86
N ALA D 17 -5.45 5.57 8.20
CA ALA D 17 -6.77 5.75 8.78
C ALA D 17 -7.53 6.86 8.04
N THR D 18 -8.80 6.58 7.74
CA THR D 18 -9.67 7.54 7.07
C THR D 18 -9.98 8.69 8.02
N ARG D 19 -10.60 9.74 7.48
CA ARG D 19 -11.00 10.89 8.28
C ARG D 19 -12.11 10.54 9.28
N SER D 20 -13.02 9.64 8.91
CA SER D 20 -14.08 9.20 9.84
C SER D 20 -13.46 8.47 10.99
N THR D 21 -12.49 7.59 10.70
CA THR D 21 -11.87 6.79 11.75
C THR D 21 -11.19 7.70 12.76
N VAL D 22 -10.42 8.66 12.28
CA VAL D 22 -9.73 9.58 13.16
C VAL D 22 -10.73 10.46 13.92
N ILE D 23 -11.80 10.90 13.26
CA ILE D 23 -12.82 11.73 13.92
C ILE D 23 -13.39 10.96 15.11
N GLN D 24 -13.67 9.67 14.89
CA GLN D 24 -14.19 8.81 15.94
C GLN D 24 -13.16 8.57 17.04
N LEU D 25 -11.87 8.51 16.70
CA LEU D 25 -10.81 8.36 17.69
C LEU D 25 -10.80 9.60 18.57
N LEU D 26 -10.82 10.78 17.95
CA LEU D 26 -10.84 12.04 18.71
C LEU D 26 -12.09 12.17 19.59
N ASN D 27 -13.20 11.57 19.16
CA ASN D 27 -14.42 11.59 19.95
C ASN D 27 -14.36 10.71 21.19
N ASN D 28 -13.41 9.79 21.25
CA ASN D 28 -13.29 8.92 22.41
C ASN D 28 -12.21 9.39 23.38
N ILE D 29 -11.32 10.27 22.93
CA ILE D 29 -10.12 10.59 23.69
C ILE D 29 -10.08 12.06 24.08
N SER D 30 -10.27 12.35 25.38
CA SER D 30 -10.30 13.74 25.86
C SER D 30 -9.13 14.10 26.79
N THR D 31 -8.75 13.20 27.71
CA THR D 31 -7.72 13.50 28.70
C THR D 31 -6.36 13.01 28.26
N LYS D 32 -5.32 13.46 28.94
CA LYS D 32 -3.95 13.07 28.60
C LYS D 32 -3.69 11.59 28.83
N ARG D 33 -4.11 11.04 29.96
CA ARG D 33 -3.85 9.61 30.20
C ARG D 33 -4.68 8.69 29.29
N GLU D 34 -5.83 9.15 28.82
CA GLU D 34 -6.59 8.43 27.81
C GLU D 34 -5.78 8.38 26.53
N VAL D 35 -5.13 9.48 26.19
CA VAL D 35 -4.27 9.55 25.02
C VAL D 35 -3.07 8.61 25.15
N GLU D 36 -2.42 8.64 26.31
CA GLU D 36 -1.23 7.80 26.54
C GLU D 36 -1.59 6.32 26.57
N GLN D 37 -2.77 5.99 27.10
CA GLN D 37 -3.25 4.60 27.10
C GLN D 37 -3.36 4.07 25.68
N TYR D 38 -4.05 4.80 24.83
CA TYR D 38 -4.24 4.39 23.46
C TYR D 38 -2.90 4.19 22.76
N LEU D 39 -2.04 5.20 22.83
CA LEU D 39 -0.71 5.14 22.22
C LEU D 39 0.09 3.93 22.69
N LYS D 40 -0.01 3.60 23.98
CA LYS D 40 0.71 2.47 24.55
C LYS D 40 0.40 1.18 23.79
N TYR D 41 -0.89 0.98 23.50
CA TYR D 41 -1.34 -0.27 22.89
C TYR D 41 -1.34 -0.20 21.36
N PHE D 42 -1.42 1.02 20.84
CA PHE D 42 -1.34 1.28 19.40
C PHE D 42 0.06 0.99 18.86
N THR D 43 1.06 1.42 19.62
CA THR D 43 2.47 1.22 19.25
C THR D 43 3.03 -0.12 19.75
N SER D 44 2.16 -0.96 20.31
CA SER D 44 2.40 -2.40 20.58
C SER D 44 3.29 -2.70 21.78
N VAL D 45 4.52 -2.22 21.73
CA VAL D 45 5.52 -2.39 22.80
C VAL D 45 5.77 -3.88 23.10
N SER D 46 5.37 -4.40 24.28
CA SER D 46 5.66 -5.78 24.65
C SER D 46 4.51 -6.73 24.27
N GLN D 47 4.66 -8.00 24.62
CA GLN D 47 3.64 -9.02 24.38
C GLN D 47 2.43 -8.81 25.32
N GLN D 48 1.93 -7.59 25.33
CA GLN D 48 0.83 -7.19 26.20
C GLN D 48 -0.40 -6.86 25.37
N GLN D 49 -1.41 -7.70 25.52
CA GLN D 49 -2.67 -7.52 24.81
C GLN D 49 -3.53 -6.45 25.46
N PHE D 50 -4.39 -5.88 24.64
CA PHE D 50 -5.22 -4.74 25.00
C PHE D 50 -6.50 -5.16 25.70
N ALA D 51 -7.15 -6.19 25.16
CA ALA D 51 -8.49 -6.55 25.61
C ALA D 51 -8.86 -7.99 25.29
N VAL D 52 -9.51 -8.66 26.24
CA VAL D 52 -10.29 -9.85 25.92
C VAL D 52 -11.75 -9.46 25.98
N ILE D 53 -12.47 -9.59 24.86
CA ILE D 53 -13.88 -9.30 24.82
C ILE D 53 -14.69 -10.60 24.63
N LYS D 54 -15.59 -10.88 25.57
CA LYS D 54 -16.45 -12.05 25.45
C LYS D 54 -17.80 -11.61 24.94
N VAL D 55 -18.25 -12.24 23.84
CA VAL D 55 -19.49 -11.83 23.20
C VAL D 55 -20.58 -12.86 23.41
N GLY D 56 -21.63 -12.46 24.12
CA GLY D 56 -22.79 -13.30 24.29
C GLY D 56 -23.29 -13.68 22.91
N GLY D 57 -23.55 -14.96 22.70
CA GLY D 57 -24.10 -15.46 21.46
C GLY D 57 -25.32 -14.71 21.01
N ALA D 58 -26.22 -14.41 21.95
CA ALA D 58 -27.39 -13.59 21.65
C ALA D 58 -27.04 -12.39 20.74
N ILE D 59 -25.98 -11.67 21.09
CA ILE D 59 -25.60 -10.40 20.43
C ILE D 59 -25.36 -10.57 18.93
N ILE D 60 -24.84 -11.73 18.56
CA ILE D 60 -24.49 -11.99 17.17
C ILE D 60 -25.74 -12.14 16.29
N SER D 61 -26.83 -12.61 16.87
CA SER D 61 -28.07 -12.76 16.10
C SER D 61 -29.06 -11.65 16.38
N ASP D 62 -28.81 -10.85 17.42
CA ASP D 62 -29.70 -9.75 17.81
C ASP D 62 -29.18 -8.35 17.40
N ASN D 63 -27.86 -8.18 17.38
CA ASN D 63 -27.28 -6.85 17.17
C ASN D 63 -25.92 -6.93 16.44
N LEU D 64 -25.88 -7.65 15.32
CA LEU D 64 -24.61 -7.92 14.64
C LEU D 64 -23.93 -6.68 14.10
N HIS D 65 -24.70 -5.81 13.46
CA HIS D 65 -24.12 -4.65 12.80
C HIS D 65 -23.37 -3.80 13.81
N GLU D 66 -24.01 -3.46 14.91
CA GLU D 66 -23.37 -2.59 15.89
C GLU D 66 -22.19 -3.31 16.55
N LEU D 67 -22.31 -4.61 16.80
CA LEU D 67 -21.16 -5.34 17.34
C LEU D 67 -20.01 -5.29 16.35
N ALA D 68 -20.31 -5.50 15.09
CA ALA D 68 -19.29 -5.51 14.05
C ALA D 68 -18.69 -4.11 13.89
N SER D 69 -19.52 -3.07 13.95
CA SER D 69 -19.02 -1.70 13.88
C SER D 69 -18.03 -1.31 14.98
N CYS D 70 -18.31 -1.72 16.21
CA CYS D 70 -17.43 -1.35 17.31
C CYS D 70 -16.10 -2.03 17.16
N LEU D 71 -16.14 -3.35 16.94
CA LEU D 71 -14.90 -4.10 16.75
C LEU D 71 -14.15 -3.54 15.53
N ALA D 72 -14.88 -3.28 14.45
CA ALA D 72 -14.31 -2.67 13.26
C ALA D 72 -13.56 -1.38 13.60
N PHE D 73 -14.20 -0.51 14.40
CA PHE D 73 -13.56 0.74 14.79
C PHE D 73 -12.25 0.49 15.55
N LEU D 74 -12.27 -0.46 16.48
CA LEU D 74 -11.05 -0.77 17.23
C LEU D 74 -9.90 -1.17 16.29
N TYR D 75 -10.19 -2.10 15.40
CA TYR D 75 -9.26 -2.52 14.36
C TYR D 75 -8.76 -1.36 13.55
N HIS D 76 -9.64 -0.44 13.16
CA HIS D 76 -9.22 0.68 12.32
C HIS D 76 -8.32 1.70 13.01
N VAL D 77 -8.35 1.72 14.35
CA VAL D 77 -7.43 2.56 15.12
C VAL D 77 -6.23 1.75 15.62
N GLY D 78 -6.06 0.54 15.09
CA GLY D 78 -4.88 -0.27 15.39
C GLY D 78 -4.94 -1.06 16.69
N LEU D 79 -6.13 -1.30 17.22
CA LEU D 79 -6.27 -2.11 18.41
C LEU D 79 -6.82 -3.47 18.03
N TYR D 80 -6.18 -4.53 18.55
CA TYR D 80 -6.52 -5.90 18.19
C TYR D 80 -7.02 -6.67 19.41
N PRO D 81 -8.28 -6.49 19.78
CA PRO D 81 -8.79 -7.27 20.90
C PRO D 81 -8.92 -8.74 20.53
N ILE D 82 -8.84 -9.61 21.54
CA ILE D 82 -9.12 -11.02 21.36
C ILE D 82 -10.60 -11.22 21.61
N VAL D 83 -11.34 -11.62 20.58
CA VAL D 83 -12.79 -11.82 20.67
C VAL D 83 -13.11 -13.30 20.78
N LEU D 84 -13.93 -13.64 21.76
CA LEU D 84 -14.35 -15.02 22.07
C LEU D 84 -15.85 -14.96 22.29
N HIS D 85 -16.62 -15.73 21.53
CA HIS D 85 -18.08 -15.64 21.59
C HIS D 85 -18.68 -16.99 21.94
N GLY D 86 -19.83 -16.95 22.61
CA GLY D 86 -20.60 -18.14 22.87
C GLY D 86 -21.57 -18.40 21.74
N THR D 87 -22.52 -19.27 22.01
CA THR D 87 -23.56 -19.62 21.04
C THR D 87 -24.82 -20.02 21.80
N GLY D 88 -25.12 -19.25 22.84
CA GLY D 88 -26.07 -19.67 23.86
C GLY D 88 -27.46 -19.99 23.33
N PRO D 89 -28.26 -18.94 23.06
CA PRO D 89 -29.67 -19.08 22.70
C PRO D 89 -29.96 -19.85 21.40
N GLN D 90 -29.14 -19.65 20.37
CA GLN D 90 -29.36 -20.31 19.06
C GLN D 90 -29.37 -21.84 19.14
N VAL D 91 -28.51 -22.40 19.99
CA VAL D 91 -28.47 -23.86 20.22
C VAL D 91 -29.79 -24.33 20.81
N ASN D 92 -30.23 -23.67 21.87
CA ASN D 92 -31.53 -23.98 22.47
C ASN D 92 -32.67 -23.80 21.48
N GLY D 93 -32.50 -22.83 20.58
CA GLY D 93 -33.51 -22.54 19.57
C GLY D 93 -33.69 -23.67 18.59
N ARG D 94 -32.58 -24.14 18.03
CA ARG D 94 -32.63 -25.19 17.01
C ARG D 94 -33.01 -26.55 17.58
N LEU D 95 -32.65 -26.81 18.84
CA LEU D 95 -33.12 -28.02 19.53
C LEU D 95 -34.64 -27.98 19.60
N GLU D 96 -35.18 -26.90 20.16
CA GLU D 96 -36.62 -26.72 20.29
C GLU D 96 -37.30 -26.72 18.92
N ALA D 97 -36.61 -26.18 17.92
CA ALA D 97 -37.15 -26.09 16.56
C ALA D 97 -37.46 -27.43 15.95
N GLN D 98 -36.74 -28.46 16.38
CA GLN D 98 -36.94 -29.81 15.86
C GLN D 98 -37.44 -30.79 16.93
N GLY D 99 -38.31 -30.28 17.83
CA GLY D 99 -39.00 -31.12 18.81
C GLY D 99 -38.16 -31.72 19.92
N ILE D 100 -36.97 -31.17 20.15
CA ILE D 100 -36.12 -31.61 21.26
C ILE D 100 -36.08 -30.54 22.34
N GLU D 101 -36.30 -30.95 23.59
CA GLU D 101 -36.22 -30.03 24.71
C GLU D 101 -34.81 -30.07 25.27
N PRO D 102 -34.18 -28.90 25.44
CA PRO D 102 -32.88 -28.85 26.09
C PRO D 102 -32.90 -29.50 27.48
N ASP D 103 -31.98 -30.44 27.71
CA ASP D 103 -31.84 -31.07 29.01
C ASP D 103 -30.87 -30.25 29.86
N TYR D 104 -31.19 -30.10 31.15
CA TYR D 104 -30.34 -29.38 32.09
C TYR D 104 -30.26 -30.07 33.45
N ILE D 105 -29.16 -29.82 34.15
CA ILE D 105 -28.94 -30.34 35.50
C ILE D 105 -27.83 -29.50 36.16
N ASP D 106 -28.00 -29.21 37.46
CA ASP D 106 -27.02 -28.43 38.22
C ASP D 106 -26.56 -27.12 37.53
N GLY D 107 -27.43 -26.56 36.69
CA GLY D 107 -27.13 -25.32 35.97
C GLY D 107 -26.14 -25.43 34.81
N ILE D 108 -26.13 -26.59 34.14
CA ILE D 108 -25.21 -26.85 33.02
C ILE D 108 -25.88 -27.82 32.02
N ARG D 109 -25.61 -27.62 30.72
CA ARG D 109 -26.31 -28.36 29.65
C ARG D 109 -25.75 -29.76 29.36
N ILE D 110 -26.63 -30.76 29.36
CA ILE D 110 -26.27 -32.14 29.05
C ILE D 110 -26.08 -32.30 27.54
N THR D 111 -24.90 -32.77 27.13
CA THR D 111 -24.52 -32.73 25.71
C THR D 111 -24.11 -34.10 25.16
N ASP D 112 -25.06 -34.78 24.52
CA ASP D 112 -24.83 -36.10 23.93
C ASP D 112 -24.40 -36.00 22.46
N GLU D 113 -24.17 -37.14 21.81
CA GLU D 113 -23.80 -37.20 20.39
C GLU D 113 -24.56 -36.23 19.48
N HIS D 114 -25.84 -36.02 19.74
CA HIS D 114 -26.66 -35.15 18.90
C HIS D 114 -26.59 -33.69 19.31
N THR D 115 -26.55 -33.44 20.62
CA THR D 115 -26.51 -32.06 21.13
C THR D 115 -25.22 -31.39 20.70
N MET D 116 -24.07 -32.05 20.88
CA MET D 116 -22.80 -31.51 20.44
C MET D 116 -22.81 -31.25 18.94
N ALA D 117 -23.45 -32.14 18.19
CA ALA D 117 -23.61 -31.94 16.74
C ALA D 117 -24.25 -30.58 16.45
N VAL D 118 -25.26 -30.21 17.24
CA VAL D 118 -25.93 -28.93 17.10
C VAL D 118 -25.05 -27.79 17.61
N VAL D 119 -24.40 -27.98 18.76
CA VAL D 119 -23.50 -26.96 19.31
C VAL D 119 -22.40 -26.60 18.31
N ARG D 120 -21.75 -27.62 17.76
CA ARG D 120 -20.73 -27.42 16.74
C ARG D 120 -21.26 -26.66 15.53
N LYS D 121 -22.44 -27.04 15.07
CA LYS D 121 -23.03 -26.45 13.89
C LYS D 121 -23.30 -24.96 14.16
N CYS D 122 -23.84 -24.65 15.34
CA CYS D 122 -24.15 -23.27 15.67
C CYS D 122 -22.88 -22.46 15.81
N PHE D 123 -21.92 -22.98 16.55
CA PHE D 123 -20.64 -22.30 16.74
C PHE D 123 -19.99 -21.93 15.42
N LEU D 124 -19.99 -22.85 14.47
CA LEU D 124 -19.46 -22.56 13.14
C LEU D 124 -20.28 -21.50 12.43
N GLU D 125 -21.61 -21.60 12.49
CA GLU D 125 -22.49 -20.65 11.80
C GLU D 125 -22.31 -19.23 12.37
N GLN D 126 -22.38 -19.11 13.68
CA GLN D 126 -22.28 -17.83 14.38
C GLN D 126 -20.88 -17.23 14.26
N ASN D 127 -19.85 -18.07 14.40
CA ASN D 127 -18.48 -17.60 14.24
C ASN D 127 -18.18 -17.06 12.83
N LEU D 128 -18.81 -17.64 11.81
CA LEU D 128 -18.60 -17.19 10.45
C LEU D 128 -19.42 -15.91 10.17
N LYS D 129 -20.57 -15.78 10.84
CA LYS D 129 -21.41 -14.60 10.73
C LYS D 129 -20.67 -13.36 11.24
N LEU D 130 -20.05 -13.46 12.41
CA LEU D 130 -19.28 -12.37 12.98
C LEU D 130 -18.05 -12.06 12.14
N VAL D 131 -17.32 -13.11 11.74
CA VAL D 131 -16.14 -12.94 10.91
C VAL D 131 -16.48 -12.23 9.61
N THR D 132 -17.58 -12.62 8.95
CA THR D 132 -17.97 -11.99 7.66
C THR D 132 -18.45 -10.54 7.85
N ALA D 133 -19.20 -10.30 8.91
CA ALA D 133 -19.66 -8.93 9.22
C ALA D 133 -18.48 -8.00 9.33
N LEU D 134 -17.41 -8.51 9.94
CA LEU D 134 -16.20 -7.76 10.07
C LEU D 134 -15.52 -7.58 8.71
N GLU D 135 -15.39 -8.66 7.94
CA GLU D 135 -14.73 -8.61 6.64
C GLU D 135 -15.42 -7.61 5.72
N GLN D 136 -16.75 -7.61 5.75
CA GLN D 136 -17.54 -6.66 4.97
C GLN D 136 -17.30 -5.22 5.32
N LEU D 137 -16.85 -4.97 6.55
CA LEU D 137 -16.46 -3.63 7.00
C LEU D 137 -14.96 -3.38 6.84
N GLY D 138 -14.28 -4.21 6.05
CA GLY D 138 -12.86 -4.03 5.80
C GLY D 138 -11.94 -4.48 6.92
N VAL D 139 -12.44 -5.30 7.84
CA VAL D 139 -11.62 -5.79 8.95
C VAL D 139 -11.11 -7.19 8.63
N ARG D 140 -9.81 -7.42 8.76
CA ARG D 140 -9.25 -8.76 8.62
C ARG D 140 -9.56 -9.57 9.86
N ALA D 141 -10.42 -10.56 9.72
CA ALA D 141 -10.85 -11.37 10.86
C ALA D 141 -10.45 -12.78 10.56
N ARG D 142 -9.97 -13.49 11.58
CA ARG D 142 -9.52 -14.85 11.45
C ARG D 142 -10.39 -15.69 12.35
N PRO D 143 -11.16 -16.62 11.77
CA PRO D 143 -11.87 -17.59 12.62
C PRO D 143 -10.89 -18.54 13.29
N ILE D 144 -11.06 -18.77 14.59
CA ILE D 144 -10.23 -19.74 15.33
C ILE D 144 -11.14 -20.67 16.12
N THR D 145 -11.46 -21.81 15.51
CA THR D 145 -12.55 -22.67 16.00
C THR D 145 -12.04 -23.81 16.89
N SER D 146 -10.74 -24.10 16.84
CA SER D 146 -10.14 -25.14 17.67
C SER D 146 -8.65 -24.90 17.87
N GLY D 147 -8.03 -25.73 18.71
CA GLY D 147 -6.59 -25.70 18.95
C GLY D 147 -6.14 -24.66 19.96
N VAL D 148 -7.10 -24.05 20.66
CA VAL D 148 -6.77 -23.05 21.67
C VAL D 148 -6.99 -23.64 23.03
N PHE D 149 -8.20 -24.16 23.27
CA PHE D 149 -8.55 -24.73 24.56
C PHE D 149 -8.34 -26.24 24.59
N THR D 150 -7.66 -26.69 25.63
CA THR D 150 -7.51 -28.11 25.92
C THR D 150 -8.20 -28.42 27.24
N ALA D 151 -9.07 -29.41 27.25
CA ALA D 151 -9.85 -29.73 28.45
C ALA D 151 -10.08 -31.23 28.63
N ASP D 152 -10.09 -31.69 29.88
CA ASP D 152 -10.62 -33.01 30.19
C ASP D 152 -12.06 -32.85 30.67
N TYR D 153 -12.80 -33.96 30.69
CA TYR D 153 -14.21 -33.95 31.02
C TYR D 153 -14.46 -33.28 32.37
N LEU D 154 -15.59 -32.61 32.51
CA LEU D 154 -15.94 -31.96 33.77
C LEU D 154 -16.43 -33.01 34.74
N ASP D 155 -17.45 -33.74 34.31
CA ASP D 155 -17.92 -34.94 34.99
C ASP D 155 -18.56 -35.78 33.90
N LYS D 156 -17.76 -36.69 33.35
CA LYS D 156 -18.14 -37.50 32.19
C LYS D 156 -19.59 -37.98 32.31
N ASP D 157 -19.88 -38.73 33.37
CA ASP D 157 -21.19 -39.38 33.55
C ASP D 157 -22.33 -38.38 33.81
N LYS D 158 -22.02 -37.29 34.53
CA LYS D 158 -23.02 -36.31 34.96
C LYS D 158 -23.47 -35.36 33.83
N TYR D 159 -22.53 -34.91 32.98
CA TYR D 159 -22.83 -33.92 31.93
C TYR D 159 -22.51 -34.35 30.50
N LYS D 160 -21.88 -35.51 30.32
CA LYS D 160 -21.45 -35.97 28.99
C LYS D 160 -20.39 -35.00 28.43
N LEU D 161 -20.52 -34.65 27.14
CA LEU D 161 -19.46 -33.95 26.41
C LEU D 161 -19.39 -32.48 26.79
N VAL D 162 -19.00 -32.22 28.03
CA VAL D 162 -18.88 -30.88 28.58
C VAL D 162 -17.60 -30.87 29.41
N GLY D 163 -16.65 -30.01 29.04
CA GLY D 163 -15.29 -30.06 29.57
C GLY D 163 -14.96 -29.05 30.65
N ASN D 164 -13.70 -29.09 31.09
CA ASN D 164 -13.16 -28.17 32.07
C ASN D 164 -11.72 -27.83 31.65
N ILE D 165 -11.52 -26.57 31.26
CA ILE D 165 -10.26 -26.13 30.64
C ILE D 165 -9.06 -26.33 31.56
N LYS D 166 -8.03 -26.98 31.05
CA LYS D 166 -6.80 -27.23 31.81
C LYS D 166 -5.65 -26.33 31.37
N SER D 167 -5.65 -25.90 30.11
CA SER D 167 -4.61 -25.01 29.60
C SER D 167 -5.07 -24.26 28.38
N VAL D 168 -4.33 -23.22 28.01
CA VAL D 168 -4.61 -22.43 26.83
C VAL D 168 -3.36 -22.32 25.97
N THR D 169 -3.47 -22.77 24.72
CA THR D 169 -2.41 -22.59 23.74
C THR D 169 -2.59 -21.22 23.08
N LYS D 170 -1.66 -20.32 23.36
CA LYS D 170 -1.74 -18.93 22.91
C LYS D 170 -1.39 -18.75 21.42
N GLU D 171 -0.63 -19.69 20.86
CA GLU D 171 0.00 -19.51 19.54
C GLU D 171 -0.94 -19.07 18.39
N PRO D 172 -2.10 -19.73 18.22
CA PRO D 172 -3.00 -19.31 17.14
C PRO D 172 -3.43 -17.84 17.24
N ILE D 173 -3.59 -17.35 18.46
CA ILE D 173 -4.08 -16.00 18.68
C ILE D 173 -2.96 -15.00 18.38
N GLU D 174 -1.77 -15.33 18.84
CA GLU D 174 -0.62 -14.45 18.66
C GLU D 174 -0.29 -14.37 17.16
N ALA D 175 -0.36 -15.53 16.50
CA ALA D 175 -0.20 -15.62 15.06
C ALA D 175 -1.20 -14.73 14.35
N SER D 176 -2.44 -14.72 14.82
CA SER D 176 -3.47 -13.91 14.20
C SER D 176 -3.15 -12.42 14.33
N ILE D 177 -2.88 -11.99 15.55
CA ILE D 177 -2.61 -10.57 15.80
C ILE D 177 -1.36 -10.13 15.05
N LYS D 178 -0.33 -10.96 15.05
CA LYS D 178 0.90 -10.62 14.35
C LYS D 178 0.65 -10.40 12.84
N ALA D 179 -0.35 -11.09 12.28
CA ALA D 179 -0.71 -10.97 10.86
C ALA D 179 -1.70 -9.83 10.56
N GLY D 180 -2.11 -9.09 11.59
CA GLY D 180 -3.05 -7.99 11.41
C GLY D 180 -4.51 -8.39 11.32
N ALA D 181 -4.87 -9.55 11.88
CA ALA D 181 -6.25 -10.01 11.84
C ALA D 181 -6.86 -10.26 13.23
N LEU D 182 -8.06 -9.74 13.49
CA LEU D 182 -8.71 -9.98 14.78
C LEU D 182 -8.99 -11.47 14.93
N PRO D 183 -8.52 -12.09 16.00
CA PRO D 183 -8.90 -13.48 16.22
C PRO D 183 -10.33 -13.56 16.75
N ILE D 184 -11.13 -14.43 16.16
CA ILE D 184 -12.52 -14.57 16.58
C ILE D 184 -12.74 -16.01 17.00
N LEU D 185 -12.68 -16.25 18.31
CA LEU D 185 -12.63 -17.59 18.88
C LEU D 185 -14.00 -18.11 19.25
N THR D 186 -14.21 -19.41 19.09
CA THR D 186 -15.32 -20.09 19.71
C THR D 186 -14.85 -20.58 21.07
N SER D 187 -15.79 -21.01 21.92
CA SER D 187 -15.45 -21.48 23.26
C SER D 187 -15.39 -23.02 23.35
N LEU D 188 -15.41 -23.70 22.20
CA LEU D 188 -15.23 -25.15 22.15
C LEU D 188 -13.84 -25.56 22.61
N ALA D 189 -13.77 -26.62 23.41
CA ALA D 189 -12.49 -27.15 23.84
C ALA D 189 -12.29 -28.51 23.20
N GLU D 190 -11.09 -29.06 23.39
CA GLU D 190 -10.82 -30.43 22.99
C GLU D 190 -9.96 -31.12 24.03
N THR D 191 -10.25 -32.40 24.28
CA THR D 191 -9.34 -33.27 25.01
C THR D 191 -8.11 -33.41 24.16
N ALA D 192 -6.99 -33.81 24.76
CA ALA D 192 -5.77 -34.02 23.98
C ALA D 192 -6.05 -35.04 22.87
N SER D 193 -6.79 -36.08 23.23
CA SER D 193 -7.18 -37.16 22.30
C SER D 193 -8.15 -36.69 21.21
N GLY D 194 -8.73 -35.51 21.37
CA GLY D 194 -9.43 -34.87 20.25
C GLY D 194 -10.93 -35.04 20.24
N GLN D 195 -11.53 -35.25 21.42
CA GLN D 195 -12.97 -35.13 21.56
C GLN D 195 -13.31 -33.69 21.88
N MET D 196 -14.16 -33.08 21.07
CA MET D 196 -14.58 -31.70 21.32
C MET D 196 -15.52 -31.67 22.52
N LEU D 197 -15.24 -30.79 23.47
CA LEU D 197 -16.02 -30.70 24.70
C LEU D 197 -16.58 -29.29 24.86
N ASN D 198 -17.89 -29.18 25.03
CA ASN D 198 -18.54 -27.87 25.17
C ASN D 198 -18.12 -27.17 26.45
N VAL D 199 -17.68 -25.93 26.33
CA VAL D 199 -17.23 -25.16 27.48
C VAL D 199 -17.95 -23.82 27.54
N ASN D 200 -18.27 -23.39 28.75
CA ASN D 200 -19.01 -22.17 28.99
C ASN D 200 -18.21 -20.93 28.54
N ALA D 201 -18.77 -20.16 27.61
CA ALA D 201 -18.07 -19.00 27.06
C ALA D 201 -17.58 -18.04 28.15
N ASP D 202 -18.37 -17.89 29.21
CA ASP D 202 -17.98 -16.99 30.29
C ASP D 202 -16.71 -17.45 30.99
N VAL D 203 -16.55 -18.76 31.20
CA VAL D 203 -15.31 -19.28 31.80
C VAL D 203 -14.18 -19.43 30.79
N ALA D 204 -14.53 -19.61 29.52
CA ALA D 204 -13.53 -19.70 28.47
C ALA D 204 -12.83 -18.37 28.31
N ALA D 205 -13.60 -17.28 28.34
CA ALA D 205 -13.01 -15.95 28.25
C ALA D 205 -12.10 -15.71 29.45
N GLY D 206 -12.53 -16.20 30.61
CA GLY D 206 -11.77 -16.04 31.84
C GLY D 206 -10.39 -16.66 31.77
N GLU D 207 -10.30 -17.81 31.09
CA GLU D 207 -9.03 -18.49 30.88
C GLU D 207 -8.14 -17.79 29.85
N LEU D 208 -8.74 -17.16 28.84
CA LEU D 208 -7.99 -16.30 27.95
C LEU D 208 -7.42 -15.14 28.75
N ALA D 209 -8.28 -14.49 29.52
CA ALA D 209 -7.87 -13.38 30.38
C ALA D 209 -6.73 -13.75 31.31
N ARG D 210 -6.76 -14.97 31.83
CA ARG D 210 -5.76 -15.45 32.78
C ARG D 210 -4.37 -15.48 32.19
N VAL D 211 -4.24 -16.01 30.97
CA VAL D 211 -2.92 -16.15 30.34
C VAL D 211 -2.46 -14.87 29.63
N PHE D 212 -3.37 -14.13 29.02
CA PHE D 212 -2.99 -12.92 28.29
C PHE D 212 -2.88 -11.67 29.16
N GLU D 213 -3.40 -11.73 30.39
CA GLU D 213 -3.37 -10.59 31.31
C GLU D 213 -3.54 -9.25 30.58
N PRO D 214 -4.69 -9.08 29.91
CA PRO D 214 -4.94 -7.88 29.13
C PRO D 214 -5.31 -6.71 30.01
N LEU D 215 -5.27 -5.48 29.47
CA LEU D 215 -5.62 -4.29 30.23
C LEU D 215 -7.09 -4.32 30.59
N LYS D 216 -7.89 -4.80 29.64
CA LYS D 216 -9.33 -4.70 29.72
C LYS D 216 -9.94 -6.09 29.52
N ILE D 217 -10.79 -6.47 30.46
CA ILE D 217 -11.60 -7.66 30.30
C ILE D 217 -13.05 -7.16 30.24
N VAL D 218 -13.69 -7.39 29.10
CA VAL D 218 -15.06 -6.96 28.89
C VAL D 218 -15.93 -8.17 28.51
N TYR D 219 -17.06 -8.32 29.19
CA TYR D 219 -18.05 -9.32 28.83
C TYR D 219 -19.27 -8.56 28.30
N LEU D 220 -19.65 -8.83 27.06
CA LEU D 220 -20.83 -8.21 26.49
C LEU D 220 -22.10 -9.06 26.66
N ASN D 221 -23.12 -8.49 27.29
CA ASN D 221 -24.45 -9.09 27.28
C ASN D 221 -25.50 -8.04 26.94
N GLU D 222 -26.73 -8.46 26.79
CA GLU D 222 -27.78 -7.58 26.33
C GLU D 222 -28.33 -6.68 27.44
N LYS D 223 -28.44 -7.20 28.66
CA LYS D 223 -28.97 -6.42 29.77
C LYS D 223 -27.96 -5.37 30.23
N GLY D 224 -26.70 -5.55 29.85
CA GLY D 224 -25.68 -4.57 30.14
C GLY D 224 -25.28 -4.61 31.59
N GLY D 225 -24.92 -5.78 32.09
CA GLY D 225 -24.55 -5.91 33.49
C GLY D 225 -25.17 -7.12 34.15
N ILE D 226 -25.31 -7.02 35.46
CA ILE D 226 -25.94 -8.04 36.27
C ILE D 226 -27.01 -7.35 37.10
N ILE D 227 -28.22 -7.87 37.10
CA ILE D 227 -29.27 -7.25 37.88
C ILE D 227 -29.43 -7.95 39.22
N ASN D 228 -29.52 -7.12 40.26
CA ASN D 228 -29.86 -7.58 41.59
C ASN D 228 -31.36 -7.80 41.60
N GLY D 229 -31.77 -9.06 41.74
CA GLY D 229 -33.19 -9.41 41.72
C GLY D 229 -33.92 -8.92 42.94
N SER D 230 -33.18 -8.69 44.02
CA SER D 230 -33.77 -8.25 45.28
C SER D 230 -34.37 -6.86 45.14
N THR D 231 -33.62 -5.95 44.53
CA THR D 231 -34.09 -4.58 44.30
C THR D 231 -34.63 -4.37 42.88
N GLY D 232 -34.08 -5.11 41.91
CA GLY D 232 -34.36 -4.87 40.51
C GLY D 232 -33.52 -3.73 39.96
N GLU D 233 -32.43 -3.39 40.66
CA GLU D 233 -31.48 -2.37 40.22
C GLU D 233 -30.23 -3.05 39.72
N LYS D 234 -29.63 -2.48 38.69
CA LYS D 234 -28.37 -2.98 38.16
C LYS D 234 -27.28 -2.76 39.20
N ILE D 235 -26.37 -3.73 39.30
CA ILE D 235 -25.24 -3.64 40.21
C ILE D 235 -24.14 -2.91 39.47
N SER D 236 -23.75 -1.73 39.95
CA SER D 236 -22.73 -0.94 39.25
C SER D 236 -21.30 -1.37 39.59
N MET D 237 -21.08 -1.80 40.83
CA MET D 237 -19.77 -2.24 41.31
C MET D 237 -19.92 -3.48 42.18
N ILE D 238 -18.96 -4.40 42.11
CA ILE D 238 -18.85 -5.50 43.05
C ILE D 238 -17.43 -5.55 43.57
N ASN D 239 -17.25 -5.53 44.89
CA ASN D 239 -15.94 -5.71 45.51
C ASN D 239 -15.87 -7.12 46.06
N LEU D 240 -15.34 -8.05 45.27
CA LEU D 240 -15.38 -9.48 45.58
C LEU D 240 -14.87 -9.84 46.98
N ASP D 241 -13.72 -9.29 47.37
CA ASP D 241 -13.16 -9.55 48.71
C ASP D 241 -14.22 -9.39 49.82
N GLU D 242 -15.04 -8.37 49.71
CA GLU D 242 -16.07 -8.09 50.72
C GLU D 242 -17.34 -8.90 50.49
N GLU D 243 -17.73 -9.09 49.23
CA GLU D 243 -19.08 -9.52 48.90
C GLU D 243 -19.23 -10.90 48.24
N TYR D 244 -18.13 -11.55 47.87
CA TYR D 244 -18.25 -12.82 47.14
C TYR D 244 -19.09 -13.83 47.91
N ASP D 245 -18.59 -14.28 49.05
CA ASP D 245 -19.28 -15.27 49.89
C ASP D 245 -20.74 -14.91 50.14
N ASP D 246 -21.01 -13.65 50.46
CA ASP D 246 -22.38 -13.16 50.68
C ASP D 246 -23.21 -13.31 49.41
N LEU D 247 -22.72 -12.73 48.32
CA LEU D 247 -23.45 -12.69 47.05
C LEU D 247 -23.82 -14.09 46.54
N MET D 248 -22.95 -15.06 46.76
CA MET D 248 -23.21 -16.44 46.33
C MET D 248 -24.31 -17.11 47.14
N LYS D 249 -24.53 -16.64 48.37
CA LYS D 249 -25.62 -17.15 49.21
C LYS D 249 -26.99 -16.55 48.85
N GLN D 250 -27.00 -15.32 48.32
CA GLN D 250 -28.25 -14.65 47.96
C GLN D 250 -29.05 -15.49 46.96
N SER D 251 -30.35 -15.66 47.20
CA SER D 251 -31.18 -16.60 46.44
C SER D 251 -31.44 -16.18 45.00
N TRP D 252 -31.34 -14.88 44.72
CA TRP D 252 -31.58 -14.35 43.36
C TRP D 252 -30.43 -14.66 42.39
N VAL D 253 -29.25 -14.97 42.91
CA VAL D 253 -28.10 -15.36 42.10
C VAL D 253 -28.20 -16.84 41.73
N LYS D 254 -28.63 -17.13 40.50
CA LYS D 254 -28.79 -18.53 40.04
C LYS D 254 -28.21 -18.75 38.63
N TYR D 255 -27.93 -20.02 38.31
CA TYR D 255 -27.57 -20.46 36.95
C TYR D 255 -26.26 -19.83 36.45
N GLY D 256 -26.36 -18.93 35.47
CA GLY D 256 -25.20 -18.48 34.68
C GLY D 256 -24.50 -17.29 35.30
N THR D 257 -25.18 -16.61 36.22
CA THR D 257 -24.57 -15.57 37.02
C THR D 257 -23.76 -16.22 38.15
N LYS D 258 -24.10 -17.46 38.51
CA LYS D 258 -23.44 -18.19 39.59
C LYS D 258 -21.98 -18.51 39.23
N LEU D 259 -21.78 -19.31 38.18
CA LEU D 259 -20.43 -19.74 37.80
C LEU D 259 -19.62 -18.67 37.06
N LYS D 260 -20.32 -17.66 36.52
CA LYS D 260 -19.67 -16.47 35.95
C LYS D 260 -18.91 -15.73 37.07
N ILE D 261 -19.60 -15.47 38.17
CA ILE D 261 -18.98 -14.82 39.34
C ILE D 261 -17.89 -15.70 39.98
N ARG D 262 -18.06 -17.01 39.90
CA ARG D 262 -17.03 -17.94 40.37
C ARG D 262 -15.72 -17.75 39.61
N GLU D 263 -15.78 -17.84 38.28
CA GLU D 263 -14.56 -17.71 37.47
C GLU D 263 -13.92 -16.34 37.69
N ILE D 264 -14.73 -15.29 37.74
CA ILE D 264 -14.21 -13.93 37.85
C ILE D 264 -13.51 -13.68 39.19
N LYS D 265 -13.96 -14.35 40.25
CA LYS D 265 -13.25 -14.27 41.53
C LYS D 265 -11.91 -14.95 41.42
N GLU D 266 -11.93 -16.18 40.93
CA GLU D 266 -10.72 -16.97 40.74
C GLU D 266 -9.75 -16.23 39.82
N LEU D 267 -10.25 -15.72 38.71
CA LEU D 267 -9.46 -14.95 37.76
C LEU D 267 -8.81 -13.74 38.42
N LEU D 268 -9.58 -12.98 39.18
CA LEU D 268 -9.08 -11.75 39.81
C LEU D 268 -8.23 -12.01 41.05
N ASP D 269 -8.35 -13.20 41.64
CA ASP D 269 -7.41 -13.63 42.68
C ASP D 269 -5.99 -13.73 42.12
N TYR D 270 -5.87 -14.24 40.89
CA TYR D 270 -4.58 -14.40 40.24
C TYR D 270 -4.05 -13.08 39.68
N LEU D 271 -4.91 -12.35 38.97
CA LEU D 271 -4.51 -11.08 38.34
C LEU D 271 -4.24 -10.02 39.41
N PRO D 272 -3.47 -8.96 39.05
CA PRO D 272 -3.15 -7.93 40.03
C PRO D 272 -4.36 -7.04 40.37
N ARG D 273 -4.13 -6.09 41.27
CA ARG D 273 -5.20 -5.28 41.82
C ARG D 273 -5.72 -4.26 40.83
N SER D 274 -4.92 -3.92 39.81
CA SER D 274 -5.34 -2.95 38.79
C SER D 274 -6.38 -3.50 37.81
N SER D 275 -6.40 -4.82 37.63
CA SER D 275 -7.32 -5.46 36.70
C SER D 275 -8.75 -5.44 37.21
N SER D 276 -9.69 -5.54 36.27
CA SER D 276 -11.11 -5.73 36.58
C SER D 276 -11.87 -6.32 35.38
N VAL D 277 -13.03 -6.91 35.67
CA VAL D 277 -13.93 -7.40 34.64
C VAL D 277 -15.14 -6.47 34.52
N ALA D 278 -15.43 -6.00 33.32
CA ALA D 278 -16.57 -5.13 33.09
C ALA D 278 -17.63 -5.90 32.31
N ILE D 279 -18.84 -5.98 32.87
CA ILE D 279 -19.95 -6.63 32.18
C ILE D 279 -20.87 -5.56 31.65
N ILE D 280 -20.95 -5.41 30.34
CA ILE D 280 -21.59 -4.23 29.74
C ILE D 280 -22.35 -4.55 28.46
N ASN D 281 -23.07 -3.55 27.96
CA ASN D 281 -23.73 -3.61 26.68
C ASN D 281 -22.77 -3.15 25.58
N VAL D 282 -22.98 -3.62 24.35
CA VAL D 282 -22.15 -3.23 23.22
C VAL D 282 -22.05 -1.72 23.14
N GLN D 283 -23.16 -1.02 23.32
CA GLN D 283 -23.14 0.42 23.15
C GLN D 283 -22.21 1.16 24.12
N ASP D 284 -21.71 0.49 25.14
CA ASP D 284 -20.76 1.09 26.09
C ASP D 284 -19.30 0.64 25.89
N LEU D 285 -19.06 -0.16 24.85
CA LEU D 285 -17.77 -0.82 24.67
C LEU D 285 -16.65 0.20 24.50
N GLN D 286 -16.82 1.09 23.53
CA GLN D 286 -15.81 2.09 23.25
C GLN D 286 -15.50 2.89 24.50
N LYS D 287 -16.56 3.36 25.17
CA LYS D 287 -16.41 4.13 26.42
C LYS D 287 -15.67 3.32 27.51
N GLU D 288 -15.94 2.02 27.60
CA GLU D 288 -15.27 1.16 28.55
C GLU D 288 -13.79 1.03 28.27
N LEU D 289 -13.44 0.88 26.99
CA LEU D 289 -12.06 0.60 26.60
C LEU D 289 -11.16 1.83 26.66
N PHE D 290 -11.73 3.00 26.39
CA PHE D 290 -10.93 4.21 26.28
C PHE D 290 -10.89 5.01 27.57
N THR D 291 -11.85 4.82 28.46
CA THR D 291 -11.91 5.57 29.72
C THR D 291 -12.01 4.66 30.95
N ASP D 292 -11.83 5.26 32.12
CA ASP D 292 -11.77 4.52 33.38
C ASP D 292 -13.13 4.50 34.06
N SER D 293 -14.14 4.98 33.35
CA SER D 293 -15.50 5.03 33.86
C SER D 293 -16.39 4.13 33.01
N GLY D 294 -16.70 2.94 33.53
CA GLY D 294 -17.58 2.01 32.83
C GLY D 294 -19.02 2.17 33.27
N ALA D 295 -19.93 1.63 32.45
CA ALA D 295 -21.31 1.43 32.86
C ALA D 295 -21.44 -0.06 33.09
N GLY D 296 -22.67 -0.57 33.18
CA GLY D 296 -22.86 -1.97 33.50
C GLY D 296 -22.29 -2.31 34.87
N THR D 297 -21.97 -3.59 35.05
CA THR D 297 -21.47 -4.08 36.32
C THR D 297 -19.94 -4.18 36.25
N MET D 298 -19.26 -3.51 37.17
CA MET D 298 -17.80 -3.54 37.26
C MET D 298 -17.37 -4.40 38.45
N ILE D 299 -16.60 -5.43 38.17
CA ILE D 299 -16.17 -6.41 39.19
C ILE D 299 -14.67 -6.37 39.40
N ARG D 300 -14.24 -5.91 40.57
CA ARG D 300 -12.83 -5.87 40.92
C ARG D 300 -12.57 -6.53 42.29
N ARG D 301 -11.29 -6.80 42.56
CA ARG D 301 -10.88 -7.37 43.84
C ARG D 301 -10.80 -6.23 44.86
N GLY D 302 -11.30 -6.46 46.06
CA GLY D 302 -11.34 -5.42 47.09
C GLY D 302 -9.96 -5.03 47.60
#